data_383D
# 
_entry.id   383D 
# 
_audit_conform.dict_name       mmcif_pdbx.dic 
_audit_conform.dict_version    5.389 
_audit_conform.dict_location   http://mmcif.pdb.org/dictionaries/ascii/mmcif_pdbx.dic 
# 
loop_
_database_2.database_id 
_database_2.database_code 
_database_2.pdbx_database_accession 
_database_2.pdbx_DOI 
PDB   383D         pdb_0000383d 10.2210/pdb383d/pdb 
NDB   ADJB110      ?            ?                   
RCSB  RCSB001315   ?            ?                   
WWPDB D_1000001315 ?            ?                   
# 
loop_
_pdbx_audit_revision_history.ordinal 
_pdbx_audit_revision_history.data_content_type 
_pdbx_audit_revision_history.major_revision 
_pdbx_audit_revision_history.minor_revision 
_pdbx_audit_revision_history.revision_date 
1 'Structure model' 1 0 1998-04-08 
2 'Structure model' 1 1 2008-04-26 
3 'Structure model' 1 2 2011-07-13 
4 'Structure model' 1 3 2017-10-04 
5 'Structure model' 1 4 2023-12-27 
6 'Structure model' 1 5 2024-04-03 
# 
_pdbx_audit_revision_details.ordinal             1 
_pdbx_audit_revision_details.revision_ordinal    1 
_pdbx_audit_revision_details.data_content_type   'Structure model' 
_pdbx_audit_revision_details.provider            repository 
_pdbx_audit_revision_details.type                'Initial release' 
_pdbx_audit_revision_details.description         ? 
_pdbx_audit_revision_details.details             ? 
# 
loop_
_pdbx_audit_revision_group.ordinal 
_pdbx_audit_revision_group.revision_ordinal 
_pdbx_audit_revision_group.data_content_type 
_pdbx_audit_revision_group.group 
1 2 'Structure model' 'Version format compliance' 
2 3 'Structure model' 'Version format compliance' 
3 4 'Structure model' 'Refinement description'    
4 5 'Structure model' 'Data collection'           
5 5 'Structure model' 'Database references'       
6 5 'Structure model' 'Derived calculations'      
7 6 'Structure model' 'Refinement description'    
# 
loop_
_pdbx_audit_revision_category.ordinal 
_pdbx_audit_revision_category.revision_ordinal 
_pdbx_audit_revision_category.data_content_type 
_pdbx_audit_revision_category.category 
1 4 'Structure model' software                      
2 5 'Structure model' chem_comp_atom                
3 5 'Structure model' chem_comp_bond                
4 5 'Structure model' database_2                    
5 5 'Structure model' pdbx_struct_conn_angle        
6 5 'Structure model' struct_conn                   
7 5 'Structure model' struct_conn_type              
8 5 'Structure model' struct_site                   
9 6 'Structure model' pdbx_initial_refinement_model 
# 
loop_
_pdbx_audit_revision_item.ordinal 
_pdbx_audit_revision_item.revision_ordinal 
_pdbx_audit_revision_item.data_content_type 
_pdbx_audit_revision_item.item 
1  5 'Structure model' '_database_2.pdbx_DOI'                      
2  5 'Structure model' '_database_2.pdbx_database_accession'       
3  5 'Structure model' '_pdbx_struct_conn_angle.ptnr1_auth_seq_id' 
4  5 'Structure model' '_pdbx_struct_conn_angle.ptnr3_auth_seq_id' 
5  5 'Structure model' '_pdbx_struct_conn_angle.value'             
6  5 'Structure model' '_struct_conn.conn_type_id'                 
7  5 'Structure model' '_struct_conn.id'                           
8  5 'Structure model' '_struct_conn.pdbx_dist_value'              
9  5 'Structure model' '_struct_conn.pdbx_leaving_atom_flag'       
10 5 'Structure model' '_struct_conn.ptnr1_auth_asym_id'           
11 5 'Structure model' '_struct_conn.ptnr1_auth_comp_id'           
12 5 'Structure model' '_struct_conn.ptnr1_auth_seq_id'            
13 5 'Structure model' '_struct_conn.ptnr1_label_asym_id'          
14 5 'Structure model' '_struct_conn.ptnr1_label_atom_id'          
15 5 'Structure model' '_struct_conn.ptnr1_label_comp_id'          
16 5 'Structure model' '_struct_conn.ptnr1_label_seq_id'           
17 5 'Structure model' '_struct_conn.ptnr2_auth_asym_id'           
18 5 'Structure model' '_struct_conn.ptnr2_auth_comp_id'           
19 5 'Structure model' '_struct_conn.ptnr2_auth_seq_id'            
20 5 'Structure model' '_struct_conn.ptnr2_label_asym_id'          
21 5 'Structure model' '_struct_conn.ptnr2_label_atom_id'          
22 5 'Structure model' '_struct_conn.ptnr2_label_comp_id'          
23 5 'Structure model' '_struct_conn.ptnr2_label_seq_id'           
24 5 'Structure model' '_struct_conn_type.id'                      
25 5 'Structure model' '_struct_site.pdbx_auth_asym_id'            
26 5 'Structure model' '_struct_site.pdbx_auth_comp_id'            
27 5 'Structure model' '_struct_site.pdbx_auth_seq_id'             
# 
_pdbx_database_status.status_code                     REL 
_pdbx_database_status.entry_id                        383D 
_pdbx_database_status.recvd_initial_deposition_date   1998-03-02 
_pdbx_database_status.deposit_site                    NDB 
_pdbx_database_status.process_site                    NDB 
_pdbx_database_status.SG_entry                        . 
_pdbx_database_status.pdb_format_compatible           Y 
_pdbx_database_status.status_code_mr                  ? 
_pdbx_database_status.status_code_sf                  ? 
_pdbx_database_status.status_code_cs                  ? 
_pdbx_database_status.methods_development_category    ? 
_pdbx_database_status.status_code_nmr_data            ? 
# 
loop_
_audit_author.name 
_audit_author.pdbx_ordinal 
'Mayer-Jung, C.' 1 
'Moras, D.'      2 
'Timsit, Y.'     3 
# 
_citation.id                        primary 
_citation.title                     'Hydration and Recognition of Methylated Cpg Steps in DNA' 
_citation.journal_abbrev            'Embo J.' 
_citation.journal_volume            17 
_citation.page_first                2709 
_citation.page_last                 ? 
_citation.year                      1998 
_citation.journal_id_ASTM           EMJODG 
_citation.country                   UK 
_citation.journal_id_ISSN           0261-4189 
_citation.journal_id_CSD            0897 
_citation.book_publisher            ? 
_citation.pdbx_database_id_PubMed   9564052 
_citation.pdbx_database_id_DOI      10.1093/emboj/17.9.2709 
# 
loop_
_citation_author.citation_id 
_citation_author.name 
_citation_author.ordinal 
_citation_author.identifier_ORCID 
primary 'Mayer-Jung, C.' 1 ? 
primary 'Moras, D.'      2 ? 
primary 'Timsit, Y.'     3 ? 
# 
loop_
_entity.id 
_entity.type 
_entity.src_method 
_entity.pdbx_description 
_entity.formula_weight 
_entity.pdbx_number_of_molecules 
_entity.pdbx_ec 
_entity.pdbx_mutation 
_entity.pdbx_fragment 
_entity.details 
1 polymer     man 
;DNA (5'-D(*CP*(5CM)P*GP*CP*(5CM)P*GP*GP*(5CM)P*GP*G)-3')
;
3089.062 2  ? ? ? ? 
2 non-polymer syn 'MAGNESIUM ION'                                            24.305   1  ? ? ? ? 
3 water       nat water                                                      18.015   87 ? ? ? ? 
# 
_entity_poly.entity_id                      1 
_entity_poly.type                           polydeoxyribonucleotide 
_entity_poly.nstd_linkage                   no 
_entity_poly.nstd_monomer                   yes 
_entity_poly.pdbx_seq_one_letter_code       '(DC)(5CM)(DG)(DC)(5CM)(DG)(DG)(5CM)(DG)(DG)' 
_entity_poly.pdbx_seq_one_letter_code_can   CCGCCGGCGG 
_entity_poly.pdbx_strand_id                 A,B 
_entity_poly.pdbx_target_identifier         ? 
# 
loop_
_pdbx_entity_nonpoly.entity_id 
_pdbx_entity_nonpoly.name 
_pdbx_entity_nonpoly.comp_id 
2 'MAGNESIUM ION' MG  
3 water           HOH 
# 
loop_
_entity_poly_seq.entity_id 
_entity_poly_seq.num 
_entity_poly_seq.mon_id 
_entity_poly_seq.hetero 
1 1  DC  n 
1 2  5CM n 
1 3  DG  n 
1 4  DC  n 
1 5  5CM n 
1 6  DG  n 
1 7  DG  n 
1 8  5CM n 
1 9  DG  n 
1 10 DG  n 
# 
loop_
_chem_comp.id 
_chem_comp.type 
_chem_comp.mon_nstd_flag 
_chem_comp.name 
_chem_comp.pdbx_synonyms 
_chem_comp.formula 
_chem_comp.formula_weight 
5CM 'DNA linking' n "5-METHYL-2'-DEOXY-CYTIDINE-5'-MONOPHOSPHATE" ? 'C10 H16 N3 O7 P' 321.224 
DC  'DNA linking' y "2'-DEOXYCYTIDINE-5'-MONOPHOSPHATE"           ? 'C9 H14 N3 O7 P'  307.197 
DG  'DNA linking' y "2'-DEOXYGUANOSINE-5'-MONOPHOSPHATE"          ? 'C10 H14 N5 O7 P' 347.221 
HOH non-polymer   . WATER                                         ? 'H2 O'            18.015  
MG  non-polymer   . 'MAGNESIUM ION'                               ? 'Mg 2'            24.305  
# 
loop_
_pdbx_poly_seq_scheme.asym_id 
_pdbx_poly_seq_scheme.entity_id 
_pdbx_poly_seq_scheme.seq_id 
_pdbx_poly_seq_scheme.mon_id 
_pdbx_poly_seq_scheme.ndb_seq_num 
_pdbx_poly_seq_scheme.pdb_seq_num 
_pdbx_poly_seq_scheme.auth_seq_num 
_pdbx_poly_seq_scheme.pdb_mon_id 
_pdbx_poly_seq_scheme.auth_mon_id 
_pdbx_poly_seq_scheme.pdb_strand_id 
_pdbx_poly_seq_scheme.pdb_ins_code 
_pdbx_poly_seq_scheme.hetero 
A 1 1  DC  1  1  1  DC  C  A . n 
A 1 2  5CM 2  2  2  5CM +C A . n 
A 1 3  DG  3  3  3  DG  G  A . n 
A 1 4  DC  4  4  4  DC  C  A . n 
A 1 5  5CM 5  5  5  5CM +C A . n 
A 1 6  DG  6  6  6  DG  G  A . n 
A 1 7  DG  7  7  7  DG  G  A . n 
A 1 8  5CM 8  8  8  5CM +C A . n 
A 1 9  DG  9  9  9  DG  G  A . n 
A 1 10 DG  10 10 10 DG  G  A . n 
B 1 1  DC  1  11 11 DC  C  B . n 
B 1 2  5CM 2  12 12 5CM +C B . n 
B 1 3  DG  3  13 13 DG  G  B . n 
B 1 4  DC  4  14 14 DC  C  B . n 
B 1 5  5CM 5  15 15 5CM +C B . n 
B 1 6  DG  6  16 16 DG  G  B . n 
B 1 7  DG  7  17 17 DG  G  B . n 
B 1 8  5CM 8  18 18 5CM +C B . n 
B 1 9  DG  9  19 19 DG  G  B . n 
B 1 10 DG  10 20 20 DG  G  B . n 
# 
loop_
_pdbx_nonpoly_scheme.asym_id 
_pdbx_nonpoly_scheme.entity_id 
_pdbx_nonpoly_scheme.mon_id 
_pdbx_nonpoly_scheme.ndb_seq_num 
_pdbx_nonpoly_scheme.pdb_seq_num 
_pdbx_nonpoly_scheme.auth_seq_num 
_pdbx_nonpoly_scheme.pdb_mon_id 
_pdbx_nonpoly_scheme.auth_mon_id 
_pdbx_nonpoly_scheme.pdb_strand_id 
_pdbx_nonpoly_scheme.pdb_ins_code 
C 2 MG  1  21  21  MG  MO6 B . 
D 3 HOH 1  31  31  HOH HOH A . 
D 3 HOH 2  32  32  HOH HOH A . 
D 3 HOH 3  33  33  HOH HOH A . 
D 3 HOH 4  34  34  HOH HOH A . 
D 3 HOH 5  44  44  HOH HOH A . 
D 3 HOH 6  50  50  HOH HOH A . 
D 3 HOH 7  51  51  HOH HOH A . 
D 3 HOH 8  52  52  HOH HOH A . 
D 3 HOH 9  53  53  HOH HOH A . 
D 3 HOH 10 54  54  HOH HOH A . 
D 3 HOH 11 55  55  HOH HOH A . 
D 3 HOH 12 56  56  HOH HOH A . 
D 3 HOH 13 57  57  HOH HOH A . 
D 3 HOH 14 58  58  HOH HOH A . 
D 3 HOH 15 59  59  HOH HOH A . 
D 3 HOH 16 63  63  HOH HOH A . 
D 3 HOH 17 64  64  HOH HOH A . 
D 3 HOH 18 65  65  HOH HOH A . 
D 3 HOH 19 66  66  HOH HOH A . 
D 3 HOH 20 67  67  HOH HOH A . 
D 3 HOH 21 68  68  HOH HOH A . 
D 3 HOH 22 69  69  HOH HOH A . 
D 3 HOH 23 70  70  HOH HOH A . 
D 3 HOH 24 71  71  HOH HOH A . 
D 3 HOH 25 72  72  HOH HOH A . 
D 3 HOH 26 73  73  HOH HOH A . 
D 3 HOH 27 74  74  HOH HOH A . 
D 3 HOH 28 75  75  HOH HOH A . 
D 3 HOH 29 76  76  HOH HOH A . 
D 3 HOH 30 77  77  HOH HOH A . 
D 3 HOH 31 78  78  HOH HOH A . 
D 3 HOH 32 79  79  HOH HOH A . 
D 3 HOH 33 80  80  HOH HOH A . 
D 3 HOH 34 81  81  HOH HOH A . 
D 3 HOH 35 92  92  HOH HOH A . 
D 3 HOH 36 98  98  HOH HOH A . 
D 3 HOH 37 99  99  HOH HOH A . 
E 3 HOH 1  22  22  HOH HOH B . 
E 3 HOH 2  23  23  HOH HOH B . 
E 3 HOH 3  24  24  HOH HOH B . 
E 3 HOH 4  25  25  HOH HOH B . 
E 3 HOH 5  26  26  HOH HOH B . 
E 3 HOH 6  27  27  HOH HOH B . 
E 3 HOH 7  28  28  HOH HOH B . 
E 3 HOH 8  29  29  HOH HOH B . 
E 3 HOH 9  30  30  HOH HOH B . 
E 3 HOH 10 35  35  HOH HOH B . 
E 3 HOH 11 36  36  HOH HOH B . 
E 3 HOH 12 37  37  HOH HOH B . 
E 3 HOH 13 38  38  HOH HOH B . 
E 3 HOH 14 39  39  HOH HOH B . 
E 3 HOH 15 40  40  HOH HOH B . 
E 3 HOH 16 41  41  HOH HOH B . 
E 3 HOH 17 42  42  HOH HOH B . 
E 3 HOH 18 43  43  HOH HOH B . 
E 3 HOH 19 45  45  HOH HOH B . 
E 3 HOH 20 46  46  HOH HOH B . 
E 3 HOH 21 47  47  HOH HOH B . 
E 3 HOH 22 48  48  HOH HOH B . 
E 3 HOH 23 49  49  HOH HOH B . 
E 3 HOH 24 60  60  HOH HOH B . 
E 3 HOH 25 61  61  HOH HOH B . 
E 3 HOH 26 62  62  HOH HOH B . 
E 3 HOH 27 82  82  HOH HOH B . 
E 3 HOH 28 83  83  HOH HOH B . 
E 3 HOH 29 84  84  HOH HOH B . 
E 3 HOH 30 85  85  HOH HOH B . 
E 3 HOH 31 86  86  HOH HOH B . 
E 3 HOH 32 87  87  HOH HOH B . 
E 3 HOH 33 88  88  HOH HOH B . 
E 3 HOH 34 89  89  HOH HOH B . 
E 3 HOH 35 90  90  HOH HOH B . 
E 3 HOH 36 91  91  HOH HOH B . 
E 3 HOH 37 93  93  HOH HOH B . 
E 3 HOH 38 94  94  HOH HOH B . 
E 3 HOH 39 95  95  HOH HOH B . 
E 3 HOH 40 96  96  HOH HOH B . 
E 3 HOH 41 97  97  HOH HOH B . 
E 3 HOH 42 100 100 HOH HOH B . 
E 3 HOH 43 101 101 HOH HOH B . 
E 3 HOH 44 102 102 HOH HOH B . 
E 3 HOH 45 103 21  HOH MO6 B . 
E 3 HOH 46 104 21  HOH MO6 B . 
E 3 HOH 47 105 21  HOH MO6 B . 
E 3 HOH 48 106 21  HOH MO6 B . 
E 3 HOH 49 107 21  HOH MO6 B . 
E 3 HOH 50 108 21  HOH MO6 B . 
# 
loop_
_software.name 
_software.classification 
_software.version 
_software.citation_id 
_software.pdbx_ordinal 
XDS     'data scaling'   .     ? 1 
AUTOMAR 'data reduction' .     ? 2 
X-PLOR  'model building' .     ? 3 
X-PLOR  refinement       3.851 ? 4 
XDS     'data reduction' .     ? 5 
X-PLOR  phasing          .     ? 6 
# 
_cell.entry_id           383D 
_cell.length_a           23.900 
_cell.length_b           45.300 
_cell.length_c           46.900 
_cell.angle_alpha        90.00 
_cell.angle_beta         90.00 
_cell.angle_gamma        90.00 
_cell.Z_PDB              8 
_cell.pdbx_unique_axis   ? 
# 
_symmetry.entry_id                         383D 
_symmetry.space_group_name_H-M             'P 21 21 21' 
_symmetry.pdbx_full_space_group_name_H-M   ? 
_symmetry.cell_setting                     orthorhombic 
_symmetry.Int_Tables_number                19 
# 
_exptl.entry_id          383D 
_exptl.method            'X-RAY DIFFRACTION' 
_exptl.crystals_number   1 
# 
_exptl_crystal.id                    1 
_exptl_crystal.density_meas          ? 
_exptl_crystal.density_Matthews      1.98 
_exptl_crystal.density_percent_sol   37.85 
_exptl_crystal.description           ? 
# 
_exptl_crystal_grow.crystal_id      1 
_exptl_crystal_grow.method          ? 
_exptl_crystal_grow.temp            ? 
_exptl_crystal_grow.temp_details    ? 
_exptl_crystal_grow.pH              6.00 
_exptl_crystal_grow.pdbx_pH_range   ? 
_exptl_crystal_grow.pdbx_details    'MPD, SPERMINE, MGCL2, pH 6.00' 
# 
loop_
_exptl_crystal_grow_comp.crystal_id 
_exptl_crystal_grow_comp.id 
_exptl_crystal_grow_comp.sol_id 
_exptl_crystal_grow_comp.name 
_exptl_crystal_grow_comp.volume 
_exptl_crystal_grow_comp.conc 
_exptl_crystal_grow_comp.details 
1 1 1 WATER    ? ? ? 
1 2 1 MPD      ? ? ? 
1 3 1 SPERMINE ? ? ? 
1 4 1 MGCL2    ? ? ? 
# 
_diffrn.id                     1 
_diffrn.ambient_temp           270.00 
_diffrn.ambient_temp_details   ? 
_diffrn.crystal_id             1 
# 
_diffrn_detector.diffrn_id              1 
_diffrn_detector.detector               'IMAGE PLATE' 
_diffrn_detector.type                   MARRESEARCH 
_diffrn_detector.pdbx_collection_date   1995-03 
_diffrn_detector.details                'DOUBLE MIRRORS' 
# 
_diffrn_radiation.diffrn_id                        1 
_diffrn_radiation.wavelength_id                    1 
_diffrn_radiation.pdbx_monochromatic_or_laue_m_l   M 
_diffrn_radiation.monochromator                    'MIRROR + CHANNEL 4' 
_diffrn_radiation.pdbx_diffrn_protocol             'SINGLE WAVELENGTH' 
_diffrn_radiation.pdbx_scattering_type             x-ray 
# 
_diffrn_radiation_wavelength.id           1 
_diffrn_radiation_wavelength.wavelength   . 
_diffrn_radiation_wavelength.wt           1.0 
# 
_diffrn_source.diffrn_id                   1 
_diffrn_source.source                      SYNCHROTRON 
_diffrn_source.type                        'LURE BEAMLINE DW32' 
_diffrn_source.pdbx_synchrotron_site       LURE 
_diffrn_source.pdbx_synchrotron_beamline   DW32 
_diffrn_source.pdbx_wavelength             ? 
_diffrn_source.pdbx_wavelength_list        ? 
# 
_reflns.entry_id                     383D 
_reflns.observed_criterion_sigma_I   1.000 
_reflns.observed_criterion_sigma_F   ? 
_reflns.d_resolution_low             20.000 
_reflns.d_resolution_high            1.700 
_reflns.number_obs                   5804 
_reflns.number_all                   ? 
_reflns.percent_possible_obs         94.400 
_reflns.pdbx_Rmerge_I_obs            0.038 
_reflns.pdbx_Rsym_value              ? 
_reflns.pdbx_netI_over_sigmaI        ? 
_reflns.B_iso_Wilson_estimate        ? 
_reflns.pdbx_redundancy              4.600 
_reflns.pdbx_diffrn_id               1 
_reflns.pdbx_ordinal                 1 
# 
_refine.entry_id                                 383D 
_refine.ls_number_reflns_obs                     4973 
_refine.ls_number_reflns_all                     5804 
_refine.pdbx_ls_sigma_I                          ? 
_refine.pdbx_ls_sigma_F                          2.000 
_refine.pdbx_data_cutoff_high_absF               ? 
_refine.pdbx_data_cutoff_low_absF                ? 
_refine.pdbx_data_cutoff_high_rms_absF           ? 
_refine.ls_d_res_low                             7.000 
_refine.ls_d_res_high                            1.700 
_refine.ls_percent_reflns_obs                    ? 
_refine.ls_R_factor_obs                          0.196 
_refine.ls_R_factor_all                          ? 
_refine.ls_R_factor_R_work                       0.196 
_refine.ls_R_factor_R_free                       ? 
_refine.ls_R_factor_R_free_error                 ? 
_refine.ls_R_factor_R_free_error_details         ? 
_refine.ls_percent_reflns_R_free                 ? 
_refine.ls_number_reflns_R_free                  ? 
_refine.ls_number_parameters                     ? 
_refine.ls_number_restraints                     ? 
_refine.occupancy_min                            ? 
_refine.occupancy_max                            ? 
_refine.correlation_coeff_Fo_to_Fc               ? 
_refine.correlation_coeff_Fo_to_Fc_free          ? 
_refine.B_iso_mean                               ? 
_refine.aniso_B[1][1]                            ? 
_refine.aniso_B[2][2]                            ? 
_refine.aniso_B[3][3]                            ? 
_refine.aniso_B[1][2]                            ? 
_refine.aniso_B[1][3]                            ? 
_refine.aniso_B[2][3]                            ? 
_refine.solvent_model_details                    ? 
_refine.solvent_model_param_ksol                 ? 
_refine.solvent_model_param_bsol                 ? 
_refine.pdbx_solvent_vdw_probe_radii             ? 
_refine.pdbx_solvent_ion_probe_radii             ? 
_refine.pdbx_solvent_shrinkage_radii             ? 
_refine.pdbx_ls_cross_valid_method               ? 
_refine.details                                  ? 
_refine.pdbx_starting_model                      'ISOMORPHOUS A-DNA' 
_refine.pdbx_method_to_determine_struct          'MOLECULAR REPLACEMENT' 
_refine.pdbx_isotropic_thermal_model             ? 
_refine.pdbx_stereochemistry_target_values       ? 
_refine.pdbx_stereochem_target_val_spec_case     ? 
_refine.pdbx_R_Free_selection_details            ? 
_refine.pdbx_overall_ESU_R                       ? 
_refine.pdbx_overall_ESU_R_Free                  ? 
_refine.overall_SU_ML                            ? 
_refine.overall_SU_B                             ? 
_refine.pdbx_refine_id                           'X-RAY DIFFRACTION' 
_refine.pdbx_diffrn_id                           1 
_refine.pdbx_TLS_residual_ADP_flag               ? 
_refine.pdbx_overall_phase_error                 ? 
_refine.overall_SU_R_Cruickshank_DPI             ? 
_refine.pdbx_overall_SU_R_free_Cruickshank_DPI   ? 
_refine.pdbx_overall_SU_R_Blow_DPI               ? 
_refine.pdbx_overall_SU_R_free_Blow_DPI          ? 
# 
_refine_hist.pdbx_refine_id                   'X-RAY DIFFRACTION' 
_refine_hist.cycle_id                         LAST 
_refine_hist.pdbx_number_atoms_protein        0 
_refine_hist.pdbx_number_atoms_nucleic_acid   404 
_refine_hist.pdbx_number_atoms_ligand         13 
_refine_hist.number_atoms_solvent             81 
_refine_hist.number_atoms_total               498 
_refine_hist.d_res_high                       1.700 
_refine_hist.d_res_low                        7.000 
# 
loop_
_refine_ls_restr.type 
_refine_ls_restr.dev_ideal 
_refine_ls_restr.dev_ideal_target 
_refine_ls_restr.weight 
_refine_ls_restr.number 
_refine_ls_restr.pdbx_refine_id 
_refine_ls_restr.pdbx_restraint_function 
x_bond_d                0.011 ? ? ? 'X-RAY DIFFRACTION' ? 
x_bond_d_na             ?     ? ? ? 'X-RAY DIFFRACTION' ? 
x_bond_d_prot           ?     ? ? ? 'X-RAY DIFFRACTION' ? 
x_angle_d               ?     ? ? ? 'X-RAY DIFFRACTION' ? 
x_angle_d_na            ?     ? ? ? 'X-RAY DIFFRACTION' ? 
x_angle_d_prot          ?     ? ? ? 'X-RAY DIFFRACTION' ? 
x_angle_deg             1.40  ? ? ? 'X-RAY DIFFRACTION' ? 
x_angle_deg_na          ?     ? ? ? 'X-RAY DIFFRACTION' ? 
x_angle_deg_prot        ?     ? ? ? 'X-RAY DIFFRACTION' ? 
x_dihedral_angle_d      27.0  ? ? ? 'X-RAY DIFFRACTION' ? 
x_dihedral_angle_d_na   ?     ? ? ? 'X-RAY DIFFRACTION' ? 
x_dihedral_angle_d_prot ?     ? ? ? 'X-RAY DIFFRACTION' ? 
x_improper_angle_d      1.30  ? ? ? 'X-RAY DIFFRACTION' ? 
x_improper_angle_d_na   ?     ? ? ? 'X-RAY DIFFRACTION' ? 
x_improper_angle_d_prot ?     ? ? ? 'X-RAY DIFFRACTION' ? 
x_mcbond_it             ?     ? ? ? 'X-RAY DIFFRACTION' ? 
x_mcangle_it            ?     ? ? ? 'X-RAY DIFFRACTION' ? 
x_scbond_it             ?     ? ? ? 'X-RAY DIFFRACTION' ? 
x_scangle_it            ?     ? ? ? 'X-RAY DIFFRACTION' ? 
# 
_struct.entry_id                  383D 
_struct.title                     'Hydration and recognition of methylated CPG steps in DNA' 
_struct.pdbx_model_details        ? 
_struct.pdbx_CASP_flag            ? 
_struct.pdbx_model_type_details   ? 
# 
_struct_keywords.entry_id        383D 
_struct_keywords.pdbx_keywords   DNA 
_struct_keywords.text            'A-DNA, DOUBLE HELIX, MODIFIED DEOXYRIBONUCLEIC ACID, DNA' 
# 
loop_
_struct_asym.id 
_struct_asym.pdbx_blank_PDB_chainid_flag 
_struct_asym.pdbx_modified 
_struct_asym.entity_id 
_struct_asym.details 
A N N 1 ? 
B N N 1 ? 
C N N 2 ? 
D N N 3 ? 
E N N 3 ? 
# 
_struct_ref.id                         1 
_struct_ref.db_name                    NDB 
_struct_ref.db_code                    ADJB110 
_struct_ref.entity_id                  1 
_struct_ref.pdbx_seq_one_letter_code   ? 
_struct_ref.pdbx_align_begin           ? 
_struct_ref.pdbx_db_accession          ? 
_struct_ref.pdbx_db_isoform            ? 
# 
loop_
_struct_ref_seq.align_id 
_struct_ref_seq.ref_id 
_struct_ref_seq.pdbx_PDB_id_code 
_struct_ref_seq.pdbx_strand_id 
_struct_ref_seq.seq_align_beg 
_struct_ref_seq.pdbx_seq_align_beg_ins_code 
_struct_ref_seq.seq_align_end 
_struct_ref_seq.pdbx_seq_align_end_ins_code 
_struct_ref_seq.pdbx_db_accession 
_struct_ref_seq.db_align_beg 
_struct_ref_seq.pdbx_db_align_beg_ins_code 
_struct_ref_seq.db_align_end 
_struct_ref_seq.pdbx_db_align_end_ins_code 
_struct_ref_seq.pdbx_auth_seq_align_beg 
_struct_ref_seq.pdbx_auth_seq_align_end 
1 1 383D A 1 ? 10 ? ADJB110 1  ? 10 ? 1  10 
2 1 383D B 1 ? 10 ? ADJB110 11 ? 20 ? 11 20 
# 
_pdbx_struct_assembly.id                   1 
_pdbx_struct_assembly.details              author_defined_assembly 
_pdbx_struct_assembly.method_details       ? 
_pdbx_struct_assembly.oligomeric_details   dimeric 
_pdbx_struct_assembly.oligomeric_count     2 
# 
_pdbx_struct_assembly_gen.assembly_id       1 
_pdbx_struct_assembly_gen.oper_expression   1 
_pdbx_struct_assembly_gen.asym_id_list      A,B,C,D,E 
# 
_pdbx_struct_oper_list.id                   1 
_pdbx_struct_oper_list.type                 'identity operation' 
_pdbx_struct_oper_list.name                 1_555 
_pdbx_struct_oper_list.symmetry_operation   x,y,z 
_pdbx_struct_oper_list.matrix[1][1]         1.0000000000 
_pdbx_struct_oper_list.matrix[1][2]         0.0000000000 
_pdbx_struct_oper_list.matrix[1][3]         0.0000000000 
_pdbx_struct_oper_list.vector[1]            0.0000000000 
_pdbx_struct_oper_list.matrix[2][1]         0.0000000000 
_pdbx_struct_oper_list.matrix[2][2]         1.0000000000 
_pdbx_struct_oper_list.matrix[2][3]         0.0000000000 
_pdbx_struct_oper_list.vector[2]            0.0000000000 
_pdbx_struct_oper_list.matrix[3][1]         0.0000000000 
_pdbx_struct_oper_list.matrix[3][2]         0.0000000000 
_pdbx_struct_oper_list.matrix[3][3]         1.0000000000 
_pdbx_struct_oper_list.vector[3]            0.0000000000 
# 
_struct_biol.id   1 
# 
loop_
_struct_conn.id 
_struct_conn.conn_type_id 
_struct_conn.pdbx_leaving_atom_flag 
_struct_conn.pdbx_PDB_id 
_struct_conn.ptnr1_label_asym_id 
_struct_conn.ptnr1_label_comp_id 
_struct_conn.ptnr1_label_seq_id 
_struct_conn.ptnr1_label_atom_id 
_struct_conn.pdbx_ptnr1_label_alt_id 
_struct_conn.pdbx_ptnr1_PDB_ins_code 
_struct_conn.pdbx_ptnr1_standard_comp_id 
_struct_conn.ptnr1_symmetry 
_struct_conn.ptnr2_label_asym_id 
_struct_conn.ptnr2_label_comp_id 
_struct_conn.ptnr2_label_seq_id 
_struct_conn.ptnr2_label_atom_id 
_struct_conn.pdbx_ptnr2_label_alt_id 
_struct_conn.pdbx_ptnr2_PDB_ins_code 
_struct_conn.ptnr1_auth_asym_id 
_struct_conn.ptnr1_auth_comp_id 
_struct_conn.ptnr1_auth_seq_id 
_struct_conn.ptnr2_auth_asym_id 
_struct_conn.ptnr2_auth_comp_id 
_struct_conn.ptnr2_auth_seq_id 
_struct_conn.ptnr2_symmetry 
_struct_conn.pdbx_ptnr3_label_atom_id 
_struct_conn.pdbx_ptnr3_label_seq_id 
_struct_conn.pdbx_ptnr3_label_comp_id 
_struct_conn.pdbx_ptnr3_label_asym_id 
_struct_conn.pdbx_ptnr3_label_alt_id 
_struct_conn.pdbx_ptnr3_PDB_ins_code 
_struct_conn.details 
_struct_conn.pdbx_dist_value 
_struct_conn.pdbx_value_order 
_struct_conn.pdbx_role 
covale1  covale both ? A DC  1  "O3'" ? ? ? 1_555 A 5CM 2  P  ? ? A DC  1  A 5CM 2   1_555 ? ? ? ? ? ? ?            1.596 ? ? 
covale2  covale both ? A 5CM 2  "O3'" ? ? ? 1_555 A DG  3  P  ? ? A 5CM 2  A DG  3   1_555 ? ? ? ? ? ? ?            1.596 ? ? 
covale3  covale both ? A DC  4  "O3'" ? ? ? 1_555 A 5CM 5  P  ? ? A DC  4  A 5CM 5   1_555 ? ? ? ? ? ? ?            1.596 ? ? 
covale4  covale both ? A 5CM 5  "O3'" ? ? ? 1_555 A DG  6  P  ? ? A 5CM 5  A DG  6   1_555 ? ? ? ? ? ? ?            1.594 ? ? 
covale5  covale both ? A DG  7  "O3'" ? ? ? 1_555 A 5CM 8  P  ? ? A DG  7  A 5CM 8   1_555 ? ? ? ? ? ? ?            1.607 ? ? 
covale6  covale both ? A 5CM 8  "O3'" ? ? ? 1_555 A DG  9  P  ? ? A 5CM 8  A DG  9   1_555 ? ? ? ? ? ? ?            1.590 ? ? 
covale7  covale both ? B DC  1  "O3'" ? ? ? 1_555 B 5CM 2  P  ? ? B DC  11 B 5CM 12  1_555 ? ? ? ? ? ? ?            1.590 ? ? 
covale8  covale both ? B 5CM 2  "O3'" ? ? ? 1_555 B DG  3  P  ? ? B 5CM 12 B DG  13  1_555 ? ? ? ? ? ? ?            1.590 ? ? 
covale9  covale both ? B DC  4  "O3'" ? ? ? 1_555 B 5CM 5  P  ? ? B DC  14 B 5CM 15  1_555 ? ? ? ? ? ? ?            1.607 ? ? 
covale10 covale both ? B 5CM 5  "O3'" ? ? ? 1_555 B DG  6  P  ? ? B 5CM 15 B DG  16  1_555 ? ? ? ? ? ? ?            1.580 ? ? 
covale11 covale both ? B DG  7  "O3'" ? ? ? 1_555 B 5CM 8  P  ? ? B DG  17 B 5CM 18  1_555 ? ? ? ? ? ? ?            1.590 ? ? 
covale12 covale both ? B 5CM 8  "O3'" ? ? ? 1_555 B DG  9  P  ? ? B 5CM 18 B DG  19  1_555 ? ? ? ? ? ? ?            1.601 ? ? 
metalc1  metalc ?    ? C MG  .  MG    ? ? ? 1_555 E HOH .  O  ? ? B MG  21 B HOH 103 1_555 ? ? ? ? ? ? ?            2.006 ? ? 
metalc2  metalc ?    ? C MG  .  MG    ? ? ? 1_555 E HOH .  O  ? ? B MG  21 B HOH 104 1_555 ? ? ? ? ? ? ?            1.911 ? ? 
metalc3  metalc ?    ? C MG  .  MG    ? ? ? 1_555 E HOH .  O  ? ? B MG  21 B HOH 105 1_555 ? ? ? ? ? ? ?            2.244 ? ? 
metalc4  metalc ?    ? C MG  .  MG    ? ? ? 1_555 E HOH .  O  ? ? B MG  21 B HOH 106 1_555 ? ? ? ? ? ? ?            2.334 ? ? 
metalc5  metalc ?    ? C MG  .  MG    ? ? ? 1_555 E HOH .  O  ? ? B MG  21 B HOH 107 1_555 ? ? ? ? ? ? ?            2.486 ? ? 
metalc6  metalc ?    ? C MG  .  MG    ? ? ? 1_555 E HOH .  O  ? ? B MG  21 B HOH 108 1_555 ? ? ? ? ? ? ?            2.364 ? ? 
hydrog1  hydrog ?    ? A DC  1  N3    ? ? ? 1_555 B DG  10 N1 ? ? A DC  1  B DG  20  1_555 ? ? ? ? ? ? WATSON-CRICK ?     ? ? 
hydrog2  hydrog ?    ? A DC  1  N4    ? ? ? 1_555 B DG  10 O6 ? ? A DC  1  B DG  20  1_555 ? ? ? ? ? ? WATSON-CRICK ?     ? ? 
hydrog3  hydrog ?    ? A DC  1  O2    ? ? ? 1_555 B DG  10 N2 ? ? A DC  1  B DG  20  1_555 ? ? ? ? ? ? WATSON-CRICK ?     ? ? 
hydrog4  hydrog ?    ? A 5CM 2  N3    ? ? ? 1_555 B DG  9  N1 ? ? A 5CM 2  B DG  19  1_555 ? ? ? ? ? ? WATSON-CRICK ?     ? ? 
hydrog5  hydrog ?    ? A 5CM 2  N4    ? ? ? 1_555 B DG  9  O6 ? ? A 5CM 2  B DG  19  1_555 ? ? ? ? ? ? WATSON-CRICK ?     ? ? 
hydrog6  hydrog ?    ? A 5CM 2  O2    ? ? ? 1_555 B DG  9  N2 ? ? A 5CM 2  B DG  19  1_555 ? ? ? ? ? ? WATSON-CRICK ?     ? ? 
hydrog7  hydrog ?    ? A DG  3  N1    ? ? ? 1_555 B 5CM 8  N3 ? ? A DG  3  B 5CM 18  1_555 ? ? ? ? ? ? WATSON-CRICK ?     ? ? 
hydrog8  hydrog ?    ? A DG  3  N2    ? ? ? 1_555 B 5CM 8  O2 ? ? A DG  3  B 5CM 18  1_555 ? ? ? ? ? ? WATSON-CRICK ?     ? ? 
hydrog9  hydrog ?    ? A DG  3  O6    ? ? ? 1_555 B 5CM 8  N4 ? ? A DG  3  B 5CM 18  1_555 ? ? ? ? ? ? WATSON-CRICK ?     ? ? 
hydrog10 hydrog ?    ? A DC  4  N3    ? ? ? 1_555 B DG  7  N1 ? ? A DC  4  B DG  17  1_555 ? ? ? ? ? ? WATSON-CRICK ?     ? ? 
hydrog11 hydrog ?    ? A DC  4  N4    ? ? ? 1_555 B DG  7  O6 ? ? A DC  4  B DG  17  1_555 ? ? ? ? ? ? WATSON-CRICK ?     ? ? 
hydrog12 hydrog ?    ? A DC  4  O2    ? ? ? 1_555 B DG  7  N2 ? ? A DC  4  B DG  17  1_555 ? ? ? ? ? ? WATSON-CRICK ?     ? ? 
hydrog13 hydrog ?    ? A 5CM 5  N3    ? ? ? 1_555 B DG  6  N1 ? ? A 5CM 5  B DG  16  1_555 ? ? ? ? ? ? WATSON-CRICK ?     ? ? 
hydrog14 hydrog ?    ? A 5CM 5  N4    ? ? ? 1_555 B DG  6  O6 ? ? A 5CM 5  B DG  16  1_555 ? ? ? ? ? ? WATSON-CRICK ?     ? ? 
hydrog15 hydrog ?    ? A 5CM 5  O2    ? ? ? 1_555 B DG  6  N2 ? ? A 5CM 5  B DG  16  1_555 ? ? ? ? ? ? WATSON-CRICK ?     ? ? 
hydrog16 hydrog ?    ? A DG  6  N1    ? ? ? 1_555 B 5CM 5  N3 ? ? A DG  6  B 5CM 15  1_555 ? ? ? ? ? ? WATSON-CRICK ?     ? ? 
hydrog17 hydrog ?    ? A DG  6  N2    ? ? ? 1_555 B 5CM 5  O2 ? ? A DG  6  B 5CM 15  1_555 ? ? ? ? ? ? WATSON-CRICK ?     ? ? 
hydrog18 hydrog ?    ? A DG  6  O6    ? ? ? 1_555 B 5CM 5  N4 ? ? A DG  6  B 5CM 15  1_555 ? ? ? ? ? ? WATSON-CRICK ?     ? ? 
hydrog19 hydrog ?    ? A DG  7  N1    ? ? ? 1_555 B DC  4  N3 ? ? A DG  7  B DC  14  1_555 ? ? ? ? ? ? WATSON-CRICK ?     ? ? 
hydrog20 hydrog ?    ? A DG  7  N2    ? ? ? 1_555 B DC  4  O2 ? ? A DG  7  B DC  14  1_555 ? ? ? ? ? ? WATSON-CRICK ?     ? ? 
hydrog21 hydrog ?    ? A DG  7  O6    ? ? ? 1_555 B DC  4  N4 ? ? A DG  7  B DC  14  1_555 ? ? ? ? ? ? WATSON-CRICK ?     ? ? 
hydrog22 hydrog ?    ? A 5CM 8  N3    ? ? ? 1_555 B DG  3  N1 ? ? A 5CM 8  B DG  13  1_555 ? ? ? ? ? ? WATSON-CRICK ?     ? ? 
hydrog23 hydrog ?    ? A 5CM 8  N4    ? ? ? 1_555 B DG  3  O6 ? ? A 5CM 8  B DG  13  1_555 ? ? ? ? ? ? WATSON-CRICK ?     ? ? 
hydrog24 hydrog ?    ? A 5CM 8  O2    ? ? ? 1_555 B DG  3  N2 ? ? A 5CM 8  B DG  13  1_555 ? ? ? ? ? ? WATSON-CRICK ?     ? ? 
hydrog25 hydrog ?    ? A DG  9  N1    ? ? ? 1_555 B 5CM 2  N3 ? ? A DG  9  B 5CM 12  1_555 ? ? ? ? ? ? WATSON-CRICK ?     ? ? 
hydrog26 hydrog ?    ? A DG  9  N2    ? ? ? 1_555 B 5CM 2  O2 ? ? A DG  9  B 5CM 12  1_555 ? ? ? ? ? ? WATSON-CRICK ?     ? ? 
hydrog27 hydrog ?    ? A DG  9  O6    ? ? ? 1_555 B 5CM 2  N4 ? ? A DG  9  B 5CM 12  1_555 ? ? ? ? ? ? WATSON-CRICK ?     ? ? 
hydrog28 hydrog ?    ? A DG  10 N1    ? ? ? 1_555 B DC  1  N3 ? ? A DG  10 B DC  11  1_555 ? ? ? ? ? ? WATSON-CRICK ?     ? ? 
hydrog29 hydrog ?    ? A DG  10 N2    ? ? ? 1_555 B DC  1  O2 ? ? A DG  10 B DC  11  1_555 ? ? ? ? ? ? WATSON-CRICK ?     ? ? 
hydrog30 hydrog ?    ? A DG  10 O6    ? ? ? 1_555 B DC  1  N4 ? ? A DG  10 B DC  11  1_555 ? ? ? ? ? ? WATSON-CRICK ?     ? ? 
# 
loop_
_struct_conn_type.id 
_struct_conn_type.criteria 
_struct_conn_type.reference 
covale ? ? 
metalc ? ? 
hydrog ? ? 
# 
loop_
_pdbx_struct_conn_angle.id 
_pdbx_struct_conn_angle.ptnr1_label_atom_id 
_pdbx_struct_conn_angle.ptnr1_label_alt_id 
_pdbx_struct_conn_angle.ptnr1_label_asym_id 
_pdbx_struct_conn_angle.ptnr1_label_comp_id 
_pdbx_struct_conn_angle.ptnr1_label_seq_id 
_pdbx_struct_conn_angle.ptnr1_auth_atom_id 
_pdbx_struct_conn_angle.ptnr1_auth_asym_id 
_pdbx_struct_conn_angle.ptnr1_auth_comp_id 
_pdbx_struct_conn_angle.ptnr1_auth_seq_id 
_pdbx_struct_conn_angle.ptnr1_PDB_ins_code 
_pdbx_struct_conn_angle.ptnr1_symmetry 
_pdbx_struct_conn_angle.ptnr2_label_atom_id 
_pdbx_struct_conn_angle.ptnr2_label_alt_id 
_pdbx_struct_conn_angle.ptnr2_label_asym_id 
_pdbx_struct_conn_angle.ptnr2_label_comp_id 
_pdbx_struct_conn_angle.ptnr2_label_seq_id 
_pdbx_struct_conn_angle.ptnr2_auth_atom_id 
_pdbx_struct_conn_angle.ptnr2_auth_asym_id 
_pdbx_struct_conn_angle.ptnr2_auth_comp_id 
_pdbx_struct_conn_angle.ptnr2_auth_seq_id 
_pdbx_struct_conn_angle.ptnr2_PDB_ins_code 
_pdbx_struct_conn_angle.ptnr2_symmetry 
_pdbx_struct_conn_angle.ptnr3_label_atom_id 
_pdbx_struct_conn_angle.ptnr3_label_alt_id 
_pdbx_struct_conn_angle.ptnr3_label_asym_id 
_pdbx_struct_conn_angle.ptnr3_label_comp_id 
_pdbx_struct_conn_angle.ptnr3_label_seq_id 
_pdbx_struct_conn_angle.ptnr3_auth_atom_id 
_pdbx_struct_conn_angle.ptnr3_auth_asym_id 
_pdbx_struct_conn_angle.ptnr3_auth_comp_id 
_pdbx_struct_conn_angle.ptnr3_auth_seq_id 
_pdbx_struct_conn_angle.ptnr3_PDB_ins_code 
_pdbx_struct_conn_angle.ptnr3_symmetry 
_pdbx_struct_conn_angle.value 
_pdbx_struct_conn_angle.value_esd 
1  O ? E HOH . ? B HOH 103 ? 1_555 MG ? C MG . ? B MG 21 ? 1_555 O ? E HOH . ? B HOH 104 ? 1_555 76.2  ? 
2  O ? E HOH . ? B HOH 103 ? 1_555 MG ? C MG . ? B MG 21 ? 1_555 O ? E HOH . ? B HOH 105 ? 1_555 97.2  ? 
3  O ? E HOH . ? B HOH 104 ? 1_555 MG ? C MG . ? B MG 21 ? 1_555 O ? E HOH . ? B HOH 105 ? 1_555 90.5  ? 
4  O ? E HOH . ? B HOH 103 ? 1_555 MG ? C MG . ? B MG 21 ? 1_555 O ? E HOH . ? B HOH 106 ? 1_555 161.3 ? 
5  O ? E HOH . ? B HOH 104 ? 1_555 MG ? C MG . ? B MG 21 ? 1_555 O ? E HOH . ? B HOH 106 ? 1_555 106.8 ? 
6  O ? E HOH . ? B HOH 105 ? 1_555 MG ? C MG . ? B MG 21 ? 1_555 O ? E HOH . ? B HOH 106 ? 1_555 101.2 ? 
7  O ? E HOH . ? B HOH 103 ? 1_555 MG ? C MG . ? B MG 21 ? 1_555 O ? E HOH . ? B HOH 107 ? 1_555 91.6  ? 
8  O ? E HOH . ? B HOH 104 ? 1_555 MG ? C MG . ? B MG 21 ? 1_555 O ? E HOH . ? B HOH 107 ? 1_555 164.0 ? 
9  O ? E HOH . ? B HOH 105 ? 1_555 MG ? C MG . ? B MG 21 ? 1_555 O ? E HOH . ? B HOH 107 ? 1_555 101.4 ? 
10 O ? E HOH . ? B HOH 106 ? 1_555 MG ? C MG . ? B MG 21 ? 1_555 O ? E HOH . ? B HOH 107 ? 1_555 81.6  ? 
11 O ? E HOH . ? B HOH 103 ? 1_555 MG ? C MG . ? B MG 21 ? 1_555 O ? E HOH . ? B HOH 108 ? 1_555 72.7  ? 
12 O ? E HOH . ? B HOH 104 ? 1_555 MG ? C MG . ? B MG 21 ? 1_555 O ? E HOH . ? B HOH 108 ? 1_555 78.4  ? 
13 O ? E HOH . ? B HOH 105 ? 1_555 MG ? C MG . ? B MG 21 ? 1_555 O ? E HOH . ? B HOH 108 ? 1_555 166.4 ? 
14 O ? E HOH . ? B HOH 106 ? 1_555 MG ? C MG . ? B MG 21 ? 1_555 O ? E HOH . ? B HOH 108 ? 1_555 89.7  ? 
15 O ? E HOH . ? B HOH 107 ? 1_555 MG ? C MG . ? B MG 21 ? 1_555 O ? E HOH . ? B HOH 108 ? 1_555 88.2  ? 
# 
_struct_site.id                   AC1 
_struct_site.pdbx_evidence_code   Software 
_struct_site.pdbx_auth_asym_id    B 
_struct_site.pdbx_auth_comp_id    MG 
_struct_site.pdbx_auth_seq_id     21 
_struct_site.pdbx_auth_ins_code   ? 
_struct_site.pdbx_num_residues    6 
_struct_site.details              'BINDING SITE FOR RESIDUE MG B 21' 
# 
loop_
_struct_site_gen.id 
_struct_site_gen.site_id 
_struct_site_gen.pdbx_num_res 
_struct_site_gen.label_comp_id 
_struct_site_gen.label_asym_id 
_struct_site_gen.label_seq_id 
_struct_site_gen.pdbx_auth_ins_code 
_struct_site_gen.auth_comp_id 
_struct_site_gen.auth_asym_id 
_struct_site_gen.auth_seq_id 
_struct_site_gen.label_atom_id 
_struct_site_gen.label_alt_id 
_struct_site_gen.symmetry 
_struct_site_gen.details 
1 AC1 6 HOH E . ? HOH B 103 . ? 1_555 ? 
2 AC1 6 HOH E . ? HOH B 104 . ? 1_555 ? 
3 AC1 6 HOH E . ? HOH B 105 . ? 1_555 ? 
4 AC1 6 HOH E . ? HOH B 106 . ? 1_555 ? 
5 AC1 6 HOH E . ? HOH B 107 . ? 1_555 ? 
6 AC1 6 HOH E . ? HOH B 108 . ? 1_555 ? 
# 
_pdbx_validate_close_contact.id               1 
_pdbx_validate_close_contact.PDB_model_num    1 
_pdbx_validate_close_contact.auth_atom_id_1   O 
_pdbx_validate_close_contact.auth_asym_id_1   A 
_pdbx_validate_close_contact.auth_comp_id_1   HOH 
_pdbx_validate_close_contact.auth_seq_id_1    67 
_pdbx_validate_close_contact.PDB_ins_code_1   ? 
_pdbx_validate_close_contact.label_alt_id_1   ? 
_pdbx_validate_close_contact.auth_atom_id_2   O 
_pdbx_validate_close_contact.auth_asym_id_2   A 
_pdbx_validate_close_contact.auth_comp_id_2   HOH 
_pdbx_validate_close_contact.auth_seq_id_2    68 
_pdbx_validate_close_contact.PDB_ins_code_2   ? 
_pdbx_validate_close_contact.label_alt_id_2   ? 
_pdbx_validate_close_contact.dist             1.85 
# 
loop_
_pdbx_validate_symm_contact.id 
_pdbx_validate_symm_contact.PDB_model_num 
_pdbx_validate_symm_contact.auth_atom_id_1 
_pdbx_validate_symm_contact.auth_asym_id_1 
_pdbx_validate_symm_contact.auth_comp_id_1 
_pdbx_validate_symm_contact.auth_seq_id_1 
_pdbx_validate_symm_contact.PDB_ins_code_1 
_pdbx_validate_symm_contact.label_alt_id_1 
_pdbx_validate_symm_contact.site_symmetry_1 
_pdbx_validate_symm_contact.auth_atom_id_2 
_pdbx_validate_symm_contact.auth_asym_id_2 
_pdbx_validate_symm_contact.auth_comp_id_2 
_pdbx_validate_symm_contact.auth_seq_id_2 
_pdbx_validate_symm_contact.PDB_ins_code_2 
_pdbx_validate_symm_contact.label_alt_id_2 
_pdbx_validate_symm_contact.site_symmetry_2 
_pdbx_validate_symm_contact.dist 
1 1 O A HOH 92 ? ? 1_555 O B HOH 93 ? ? 3_555 1.91 
2 1 O A HOH 52 ? ? 1_555 O B HOH 97 ? ? 3_545 2.05 
# 
loop_
_pdbx_struct_mod_residue.id 
_pdbx_struct_mod_residue.label_asym_id 
_pdbx_struct_mod_residue.label_comp_id 
_pdbx_struct_mod_residue.label_seq_id 
_pdbx_struct_mod_residue.auth_asym_id 
_pdbx_struct_mod_residue.auth_comp_id 
_pdbx_struct_mod_residue.auth_seq_id 
_pdbx_struct_mod_residue.PDB_ins_code 
_pdbx_struct_mod_residue.parent_comp_id 
_pdbx_struct_mod_residue.details 
1 A 5CM 2 A 5CM 2  ? DC ? 
2 A 5CM 5 A 5CM 5  ? DC ? 
3 A 5CM 8 A 5CM 8  ? DC ? 
4 B 5CM 2 B 5CM 12 ? DC ? 
5 B 5CM 5 B 5CM 15 ? DC ? 
6 B 5CM 8 B 5CM 18 ? DC ? 
# 
loop_
_chem_comp_atom.comp_id 
_chem_comp_atom.atom_id 
_chem_comp_atom.type_symbol 
_chem_comp_atom.pdbx_aromatic_flag 
_chem_comp_atom.pdbx_stereo_config 
_chem_comp_atom.pdbx_ordinal 
5CM N1     N  N N 1   
5CM C2     C  N N 2   
5CM N3     N  N N 3   
5CM C4     C  N N 4   
5CM C5     C  N N 5   
5CM C5A    C  N N 6   
5CM C6     C  N N 7   
5CM O2     O  N N 8   
5CM N4     N  N N 9   
5CM "C1'"  C  N R 10  
5CM "C2'"  C  N N 11  
5CM "C3'"  C  N S 12  
5CM "C4'"  C  N R 13  
5CM "O4'"  O  N N 14  
5CM "O3'"  O  N N 15  
5CM "C5'"  C  N N 16  
5CM "O5'"  O  N N 17  
5CM P      P  N N 18  
5CM OP1    O  N N 19  
5CM OP2    O  N N 20  
5CM OP3    O  N N 21  
5CM H5A1   H  N N 22  
5CM H5A2   H  N N 23  
5CM H5A3   H  N N 24  
5CM H6     H  N N 25  
5CM HN41   H  N N 26  
5CM HN42   H  N N 27  
5CM "H1'"  H  N N 28  
5CM "H2'"  H  N N 29  
5CM "H2''" H  N N 30  
5CM "H3'"  H  N N 31  
5CM "H4'"  H  N N 32  
5CM "HO3'" H  N N 33  
5CM "H5'"  H  N N 34  
5CM "H5''" H  N N 35  
5CM HOP2   H  N N 36  
5CM HOP3   H  N N 37  
DC  OP3    O  N N 38  
DC  P      P  N N 39  
DC  OP1    O  N N 40  
DC  OP2    O  N N 41  
DC  "O5'"  O  N N 42  
DC  "C5'"  C  N N 43  
DC  "C4'"  C  N R 44  
DC  "O4'"  O  N N 45  
DC  "C3'"  C  N S 46  
DC  "O3'"  O  N N 47  
DC  "C2'"  C  N N 48  
DC  "C1'"  C  N R 49  
DC  N1     N  N N 50  
DC  C2     C  N N 51  
DC  O2     O  N N 52  
DC  N3     N  N N 53  
DC  C4     C  N N 54  
DC  N4     N  N N 55  
DC  C5     C  N N 56  
DC  C6     C  N N 57  
DC  HOP3   H  N N 58  
DC  HOP2   H  N N 59  
DC  "H5'"  H  N N 60  
DC  "H5''" H  N N 61  
DC  "H4'"  H  N N 62  
DC  "H3'"  H  N N 63  
DC  "HO3'" H  N N 64  
DC  "H2'"  H  N N 65  
DC  "H2''" H  N N 66  
DC  "H1'"  H  N N 67  
DC  H41    H  N N 68  
DC  H42    H  N N 69  
DC  H5     H  N N 70  
DC  H6     H  N N 71  
DG  OP3    O  N N 72  
DG  P      P  N N 73  
DG  OP1    O  N N 74  
DG  OP2    O  N N 75  
DG  "O5'"  O  N N 76  
DG  "C5'"  C  N N 77  
DG  "C4'"  C  N R 78  
DG  "O4'"  O  N N 79  
DG  "C3'"  C  N S 80  
DG  "O3'"  O  N N 81  
DG  "C2'"  C  N N 82  
DG  "C1'"  C  N R 83  
DG  N9     N  Y N 84  
DG  C8     C  Y N 85  
DG  N7     N  Y N 86  
DG  C5     C  Y N 87  
DG  C6     C  N N 88  
DG  O6     O  N N 89  
DG  N1     N  N N 90  
DG  C2     C  N N 91  
DG  N2     N  N N 92  
DG  N3     N  N N 93  
DG  C4     C  Y N 94  
DG  HOP3   H  N N 95  
DG  HOP2   H  N N 96  
DG  "H5'"  H  N N 97  
DG  "H5''" H  N N 98  
DG  "H4'"  H  N N 99  
DG  "H3'"  H  N N 100 
DG  "HO3'" H  N N 101 
DG  "H2'"  H  N N 102 
DG  "H2''" H  N N 103 
DG  "H1'"  H  N N 104 
DG  H8     H  N N 105 
DG  H1     H  N N 106 
DG  H21    H  N N 107 
DG  H22    H  N N 108 
HOH O      O  N N 109 
HOH H1     H  N N 110 
HOH H2     H  N N 111 
MG  MG     MG N N 112 
# 
loop_
_chem_comp_bond.comp_id 
_chem_comp_bond.atom_id_1 
_chem_comp_bond.atom_id_2 
_chem_comp_bond.value_order 
_chem_comp_bond.pdbx_aromatic_flag 
_chem_comp_bond.pdbx_stereo_config 
_chem_comp_bond.pdbx_ordinal 
5CM N1    C2     sing N N 1   
5CM N1    C6     sing N N 2   
5CM N1    "C1'"  sing N N 3   
5CM C2    N3     sing N N 4   
5CM C2    O2     doub N N 5   
5CM N3    C4     doub N N 6   
5CM C4    C5     sing N N 7   
5CM C4    N4     sing N N 8   
5CM C5    C5A    sing N N 9   
5CM C5    C6     doub N N 10  
5CM C5A   H5A1   sing N N 11  
5CM C5A   H5A2   sing N N 12  
5CM C5A   H5A3   sing N N 13  
5CM C6    H6     sing N N 14  
5CM N4    HN41   sing N N 15  
5CM N4    HN42   sing N N 16  
5CM "C1'" "C2'"  sing N N 17  
5CM "C1'" "O4'"  sing N N 18  
5CM "C1'" "H1'"  sing N N 19  
5CM "C2'" "C3'"  sing N N 20  
5CM "C2'" "H2'"  sing N N 21  
5CM "C2'" "H2''" sing N N 22  
5CM "C3'" "C4'"  sing N N 23  
5CM "C3'" "O3'"  sing N N 24  
5CM "C3'" "H3'"  sing N N 25  
5CM "C4'" "O4'"  sing N N 26  
5CM "C4'" "C5'"  sing N N 27  
5CM "C4'" "H4'"  sing N N 28  
5CM "O3'" "HO3'" sing N N 29  
5CM "C5'" "O5'"  sing N N 30  
5CM "C5'" "H5'"  sing N N 31  
5CM "C5'" "H5''" sing N N 32  
5CM "O5'" P      sing N N 33  
5CM P     OP1    doub N N 34  
5CM P     OP2    sing N N 35  
5CM P     OP3    sing N N 36  
5CM OP2   HOP2   sing N N 37  
5CM OP3   HOP3   sing N N 38  
DC  OP3   P      sing N N 39  
DC  OP3   HOP3   sing N N 40  
DC  P     OP1    doub N N 41  
DC  P     OP2    sing N N 42  
DC  P     "O5'"  sing N N 43  
DC  OP2   HOP2   sing N N 44  
DC  "O5'" "C5'"  sing N N 45  
DC  "C5'" "C4'"  sing N N 46  
DC  "C5'" "H5'"  sing N N 47  
DC  "C5'" "H5''" sing N N 48  
DC  "C4'" "O4'"  sing N N 49  
DC  "C4'" "C3'"  sing N N 50  
DC  "C4'" "H4'"  sing N N 51  
DC  "O4'" "C1'"  sing N N 52  
DC  "C3'" "O3'"  sing N N 53  
DC  "C3'" "C2'"  sing N N 54  
DC  "C3'" "H3'"  sing N N 55  
DC  "O3'" "HO3'" sing N N 56  
DC  "C2'" "C1'"  sing N N 57  
DC  "C2'" "H2'"  sing N N 58  
DC  "C2'" "H2''" sing N N 59  
DC  "C1'" N1     sing N N 60  
DC  "C1'" "H1'"  sing N N 61  
DC  N1    C2     sing N N 62  
DC  N1    C6     sing N N 63  
DC  C2    O2     doub N N 64  
DC  C2    N3     sing N N 65  
DC  N3    C4     doub N N 66  
DC  C4    N4     sing N N 67  
DC  C4    C5     sing N N 68  
DC  N4    H41    sing N N 69  
DC  N4    H42    sing N N 70  
DC  C5    C6     doub N N 71  
DC  C5    H5     sing N N 72  
DC  C6    H6     sing N N 73  
DG  OP3   P      sing N N 74  
DG  OP3   HOP3   sing N N 75  
DG  P     OP1    doub N N 76  
DG  P     OP2    sing N N 77  
DG  P     "O5'"  sing N N 78  
DG  OP2   HOP2   sing N N 79  
DG  "O5'" "C5'"  sing N N 80  
DG  "C5'" "C4'"  sing N N 81  
DG  "C5'" "H5'"  sing N N 82  
DG  "C5'" "H5''" sing N N 83  
DG  "C4'" "O4'"  sing N N 84  
DG  "C4'" "C3'"  sing N N 85  
DG  "C4'" "H4'"  sing N N 86  
DG  "O4'" "C1'"  sing N N 87  
DG  "C3'" "O3'"  sing N N 88  
DG  "C3'" "C2'"  sing N N 89  
DG  "C3'" "H3'"  sing N N 90  
DG  "O3'" "HO3'" sing N N 91  
DG  "C2'" "C1'"  sing N N 92  
DG  "C2'" "H2'"  sing N N 93  
DG  "C2'" "H2''" sing N N 94  
DG  "C1'" N9     sing N N 95  
DG  "C1'" "H1'"  sing N N 96  
DG  N9    C8     sing Y N 97  
DG  N9    C4     sing Y N 98  
DG  C8    N7     doub Y N 99  
DG  C8    H8     sing N N 100 
DG  N7    C5     sing Y N 101 
DG  C5    C6     sing N N 102 
DG  C5    C4     doub Y N 103 
DG  C6    O6     doub N N 104 
DG  C6    N1     sing N N 105 
DG  N1    C2     sing N N 106 
DG  N1    H1     sing N N 107 
DG  C2    N2     sing N N 108 
DG  C2    N3     doub N N 109 
DG  N2    H21    sing N N 110 
DG  N2    H22    sing N N 111 
DG  N3    C4     sing N N 112 
HOH O     H1     sing N N 113 
HOH O     H2     sing N N 114 
# 
_ndb_struct_conf_na.entry_id   383D 
_ndb_struct_conf_na.feature    'a-form double helix' 
# 
loop_
_ndb_struct_na_base_pair.model_number 
_ndb_struct_na_base_pair.i_label_asym_id 
_ndb_struct_na_base_pair.i_label_comp_id 
_ndb_struct_na_base_pair.i_label_seq_id 
_ndb_struct_na_base_pair.i_symmetry 
_ndb_struct_na_base_pair.j_label_asym_id 
_ndb_struct_na_base_pair.j_label_comp_id 
_ndb_struct_na_base_pair.j_label_seq_id 
_ndb_struct_na_base_pair.j_symmetry 
_ndb_struct_na_base_pair.shear 
_ndb_struct_na_base_pair.stretch 
_ndb_struct_na_base_pair.stagger 
_ndb_struct_na_base_pair.buckle 
_ndb_struct_na_base_pair.propeller 
_ndb_struct_na_base_pair.opening 
_ndb_struct_na_base_pair.pair_number 
_ndb_struct_na_base_pair.pair_name 
_ndb_struct_na_base_pair.i_auth_asym_id 
_ndb_struct_na_base_pair.i_auth_seq_id 
_ndb_struct_na_base_pair.i_PDB_ins_code 
_ndb_struct_na_base_pair.j_auth_asym_id 
_ndb_struct_na_base_pair.j_auth_seq_id 
_ndb_struct_na_base_pair.j_PDB_ins_code 
_ndb_struct_na_base_pair.hbond_type_28 
_ndb_struct_na_base_pair.hbond_type_12 
1 A DC  1  1_555 B DG  10 1_555 0.238  -0.221 0.000  3.860  1.151   -0.445 1  A_DC1:DG20_B  A 1  ? B 20 ? 19 1 
1 A 5CM 2  1_555 B DG  9  1_555 -0.019 -0.195 -0.055 4.830  -5.239  -1.684 2  A_5CM2:DG19_B A 2  ? B 19 ? 19 1 
1 A DG  3  1_555 B 5CM 8  1_555 -0.493 -0.193 0.033  0.130  -2.212  1.254  3  A_DG3:5CM18_B A 3  ? B 18 ? 19 1 
1 A DC  4  1_555 B DG  7  1_555 0.092  -0.217 -0.307 9.571  -9.358  3.397  4  A_DC4:DG17_B  A 4  ? B 17 ? 19 1 
1 A 5CM 5  1_555 B DG  6  1_555 0.296  -0.220 0.109  9.241  -15.877 1.944  5  A_5CM5:DG16_B A 5  ? B 16 ? 19 1 
1 A DG  6  1_555 B 5CM 5  1_555 -0.392 -0.284 -0.109 -0.568 -15.829 2.104  6  A_DG6:5CM15_B A 6  ? B 15 ? 19 1 
1 A DG  7  1_555 B DC  4  1_555 -0.530 -0.145 -0.168 -6.894 -8.231  7.830  7  A_DG7:DC14_B  A 7  ? B 14 ? 19 1 
1 A 5CM 8  1_555 B DG  3  1_555 0.317  -0.193 0.054  -4.126 -5.384  0.174  8  A_5CM8:DG13_B A 8  ? B 13 ? 19 1 
1 A DG  9  1_555 B 5CM 2  1_555 -0.436 -0.272 -0.054 -6.579 -2.996  -0.519 9  A_DG9:5CM12_B A 9  ? B 12 ? 19 1 
1 A DG  10 1_555 B DC  1  1_555 -0.332 -0.287 0.259  15.213 0.203   -0.119 10 A_DG10:DC11_B A 10 ? B 11 ? 19 1 
# 
loop_
_ndb_struct_na_base_pair_step.model_number 
_ndb_struct_na_base_pair_step.i_label_asym_id_1 
_ndb_struct_na_base_pair_step.i_label_comp_id_1 
_ndb_struct_na_base_pair_step.i_label_seq_id_1 
_ndb_struct_na_base_pair_step.i_symmetry_1 
_ndb_struct_na_base_pair_step.j_label_asym_id_1 
_ndb_struct_na_base_pair_step.j_label_comp_id_1 
_ndb_struct_na_base_pair_step.j_label_seq_id_1 
_ndb_struct_na_base_pair_step.j_symmetry_1 
_ndb_struct_na_base_pair_step.i_label_asym_id_2 
_ndb_struct_na_base_pair_step.i_label_comp_id_2 
_ndb_struct_na_base_pair_step.i_label_seq_id_2 
_ndb_struct_na_base_pair_step.i_symmetry_2 
_ndb_struct_na_base_pair_step.j_label_asym_id_2 
_ndb_struct_na_base_pair_step.j_label_comp_id_2 
_ndb_struct_na_base_pair_step.j_label_seq_id_2 
_ndb_struct_na_base_pair_step.j_symmetry_2 
_ndb_struct_na_base_pair_step.shift 
_ndb_struct_na_base_pair_step.slide 
_ndb_struct_na_base_pair_step.rise 
_ndb_struct_na_base_pair_step.tilt 
_ndb_struct_na_base_pair_step.roll 
_ndb_struct_na_base_pair_step.twist 
_ndb_struct_na_base_pair_step.x_displacement 
_ndb_struct_na_base_pair_step.y_displacement 
_ndb_struct_na_base_pair_step.helical_rise 
_ndb_struct_na_base_pair_step.inclination 
_ndb_struct_na_base_pair_step.tip 
_ndb_struct_na_base_pair_step.helical_twist 
_ndb_struct_na_base_pair_step.step_number 
_ndb_struct_na_base_pair_step.step_name 
_ndb_struct_na_base_pair_step.i_auth_asym_id_1 
_ndb_struct_na_base_pair_step.i_auth_seq_id_1 
_ndb_struct_na_base_pair_step.i_PDB_ins_code_1 
_ndb_struct_na_base_pair_step.j_auth_asym_id_1 
_ndb_struct_na_base_pair_step.j_auth_seq_id_1 
_ndb_struct_na_base_pair_step.j_PDB_ins_code_1 
_ndb_struct_na_base_pair_step.i_auth_asym_id_2 
_ndb_struct_na_base_pair_step.i_auth_seq_id_2 
_ndb_struct_na_base_pair_step.i_PDB_ins_code_2 
_ndb_struct_na_base_pair_step.j_auth_asym_id_2 
_ndb_struct_na_base_pair_step.j_auth_seq_id_2 
_ndb_struct_na_base_pair_step.j_PDB_ins_code_2 
1 A DC  1 1_555 B DG  10 1_555 A 5CM 2  1_555 B DG  9 1_555 -0.737 -2.424 3.378 -0.764 -5.531 28.815 -3.470 1.274  3.785 -10.984 
1.517  29.340 1 AA_DC15CM2:DG19DG20_BB  A 1 ? B 20 ? A 2  ? B 19 ? 
1 A 5CM 2 1_555 B DG  9  1_555 A DG  3  1_555 B 5CM 8 1_555 -0.599 -2.067 3.418 -0.922 2.562  21.535 -6.514 1.223  3.176 6.822   
2.456  21.705 2 AA_5CM2DG3:5CM18DG19_BB A 2 ? B 19 ? A 3  ? B 18 ? 
1 A DG  3 1_555 B 5CM 8  1_555 A DC  4  1_555 B DG  7 1_555 0.254  -1.283 3.171 1.070  2.317  31.496 -2.768 -0.277 3.078 4.260   
-1.967 31.597 3 AA_DG3DC4:DG175CM18_BB  A 3 ? B 18 ? A 4  ? B 17 ? 
1 A DC  4 1_555 B DG  7  1_555 A 5CM 5  1_555 B DG  6 1_555 -0.592 -1.985 3.383 -5.309 3.677  33.652 -3.959 0.155  3.208 6.279   
9.066  34.248 4 AA_DC45CM5:DG16DG17_BB  A 4 ? B 17 ? A 5  ? B 16 ? 
1 A 5CM 5 1_555 B DG  6  1_555 A DG  6  1_555 B 5CM 5 1_555 -0.797 -1.681 3.196 -1.455 20.614 26.026 -5.782 1.198  1.531 38.899  
2.746  33.121 5 AA_5CM5DG6:5CM15DG16_BB A 5 ? B 16 ? A 6  ? B 15 ? 
1 A DG  6 1_555 B 5CM 5  1_555 A DG  7  1_555 B DC  4 1_555 1.490  -1.824 3.476 1.924  9.695  27.797 -5.628 -2.523 2.790 19.420  
-3.854 29.470 6 AA_DG6DG7:DC145CM15_BB  A 6 ? B 15 ? A 7  ? B 14 ? 
1 A DG  7 1_555 B DC  4  1_555 A 5CM 8  1_555 B DG  3 1_555 -0.445 -1.755 3.288 -0.771 4.906  32.476 -3.918 0.659  3.007 8.708   
1.368  32.843 7 AA_DG75CM8:DG13DC14_BB  A 7 ? B 14 ? A 8  ? B 13 ? 
1 A 5CM 8 1_555 B DG  3  1_555 A DG  9  1_555 B 5CM 2 1_555 0.124  -1.959 3.353 1.367  7.327  27.237 -5.639 0.049  2.745 15.201  
-2.837 28.220 8 AA_5CM8DG9:5CM12DG13_BB A 8 ? B 13 ? A 9  ? B 12 ? 
1 A DG  9 1_555 B 5CM 2  1_555 A DG  10 1_555 B DC  1 1_555 -1.196 -1.865 2.908 -1.757 3.620  21.043 -6.276 2.607  2.642 9.797   
4.756  21.420 9 AA_DG9DG10:DC115CM12_BB A 9 ? B 12 ? A 10 ? B 11 ? 
# 
_pdbx_initial_refinement_model.accession_code   ? 
_pdbx_initial_refinement_model.id               1 
_pdbx_initial_refinement_model.entity_id_list   ? 
_pdbx_initial_refinement_model.type             'experimental model' 
_pdbx_initial_refinement_model.source_name      Other 
_pdbx_initial_refinement_model.details          'ISOMORPHOUS A-DNA' 
# 
_atom_sites.entry_id                    383D 
_atom_sites.fract_transf_matrix[1][1]   0.03680123 
_atom_sites.fract_transf_matrix[1][2]   -0.01879310 
_atom_sites.fract_transf_matrix[1][3]   0.00656951 
_atom_sites.fract_transf_matrix[2][1]   -0.00067651 
_atom_sites.fract_transf_matrix[2][2]   0.00608887 
_atom_sites.fract_transf_matrix[2][3]   0.02120787 
_atom_sites.fract_transf_matrix[3][1]   -0.01012411 
_atom_sites.fract_transf_matrix[3][2]   -0.01811968 
_atom_sites.fract_transf_matrix[3][3]   0.00487929 
_atom_sites.fract_transf_vector[1]      0.101322 
_atom_sites.fract_transf_vector[2]      -0.023137 
_atom_sites.fract_transf_vector[3]      0.203791 
# 
loop_
_atom_type.symbol 
C  
MG 
N  
O  
P  
# 
loop_
_atom_site.group_PDB 
_atom_site.id 
_atom_site.type_symbol 
_atom_site.label_atom_id 
_atom_site.label_alt_id 
_atom_site.label_comp_id 
_atom_site.label_asym_id 
_atom_site.label_entity_id 
_atom_site.label_seq_id 
_atom_site.pdbx_PDB_ins_code 
_atom_site.Cartn_x 
_atom_site.Cartn_y 
_atom_site.Cartn_z 
_atom_site.occupancy 
_atom_site.B_iso_or_equiv 
_atom_site.pdbx_formal_charge 
_atom_site.auth_seq_id 
_atom_site.auth_comp_id 
_atom_site.auth_asym_id 
_atom_site.auth_atom_id 
_atom_site.pdbx_PDB_model_num 
ATOM   1   O  "O5'" . DC  A 1 1  ? -4.875  10.833  7.347   1.00 23.41 ? 1   DC  A "O5'" 1 
ATOM   2   C  "C5'" . DC  A 1 1  ? -4.681  11.525  8.605   1.00 21.05 ? 1   DC  A "C5'" 1 
ATOM   3   C  "C4'" . DC  A 1 1  ? -4.571  10.492  9.702   1.00 19.65 ? 1   DC  A "C4'" 1 
ATOM   4   O  "O4'" . DC  A 1 1  ? -5.862  10.128  10.229  1.00 19.12 ? 1   DC  A "O4'" 1 
ATOM   5   C  "C3'" . DC  A 1 1  ? -3.976  9.178   9.224   1.00 20.19 ? 1   DC  A "C3'" 1 
ATOM   6   O  "O3'" . DC  A 1 1  ? -2.554  9.242   9.180   1.00 19.99 ? 1   DC  A "O3'" 1 
ATOM   7   C  "C2'" . DC  A 1 1  ? -4.478  8.194   10.251  1.00 18.93 ? 1   DC  A "C2'" 1 
ATOM   8   C  "C1'" . DC  A 1 1  ? -5.847  8.750   10.602  1.00 18.14 ? 1   DC  A "C1'" 1 
ATOM   9   N  N1    . DC  A 1 1  ? -6.910  8.043   9.871   1.00 17.45 ? 1   DC  A N1    1 
ATOM   10  C  C2    . DC  A 1 1  ? -7.148  6.729   10.221  1.00 16.98 ? 1   DC  A C2    1 
ATOM   11  O  O2    . DC  A 1 1  ? -6.482  6.236   11.151  1.00 17.09 ? 1   DC  A O2    1 
ATOM   12  N  N3    . DC  A 1 1  ? -8.081  6.020   9.561   1.00 17.04 ? 1   DC  A N3    1 
ATOM   13  C  C4    . DC  A 1 1  ? -8.777  6.594   8.585   1.00 17.66 ? 1   DC  A C4    1 
ATOM   14  N  N4    . DC  A 1 1  ? -9.702  5.856   7.968   1.00 18.55 ? 1   DC  A N4    1 
ATOM   15  C  C5    . DC  A 1 1  ? -8.559  7.953   8.202   1.00 17.29 ? 1   DC  A C5    1 
ATOM   16  C  C6    . DC  A 1 1  ? -7.632  8.635   8.870   1.00 17.44 ? 1   DC  A C6    1 
HETATM 17  N  N1    . 5CM A 1 2  ? -4.086  3.569   10.099  1.00 16.64 ? 2   5CM A N1    1 
HETATM 18  C  C2    . 5CM A 1 2  ? -4.745  2.367   9.915   1.00 16.17 ? 2   5CM A C2    1 
HETATM 19  N  N3    . 5CM A 1 2  ? -5.586  2.206   8.880   1.00 14.99 ? 2   5CM A N3    1 
HETATM 20  C  C4    . 5CM A 1 2  ? -5.792  3.198   8.018   1.00 14.73 ? 2   5CM A C4    1 
HETATM 21  C  C5    . 5CM A 1 2  ? -5.100  4.440   8.178   1.00 14.97 ? 2   5CM A C5    1 
HETATM 22  C  C5A   . 5CM A 1 2  ? -5.291  5.536   7.173   1.00 16.08 ? 2   5CM A C5A   1 
HETATM 23  C  C6    . 5CM A 1 2  ? -4.281  4.600   9.219   1.00 15.88 ? 2   5CM A C6    1 
HETATM 24  O  O2    . 5CM A 1 2  ? -4.545  1.463   10.713  1.00 15.77 ? 2   5CM A O2    1 
HETATM 25  N  N4    . 5CM A 1 2  ? -6.692  3.023   7.060   1.00 13.74 ? 2   5CM A N4    1 
HETATM 26  C  "C1'" . 5CM A 1 2  ? -3.181  3.676   11.256  1.00 18.04 ? 2   5CM A "C1'" 1 
HETATM 27  C  "C2'" . 5CM A 1 2  ? -1.840  3.063   10.953  1.00 18.27 ? 2   5CM A "C2'" 1 
HETATM 28  C  "C3'" . 5CM A 1 2  ? -1.050  4.261   10.480  1.00 19.28 ? 2   5CM A "C3'" 1 
HETATM 29  C  "C4'" . 5CM A 1 2  ? -1.571  5.377   11.370  1.00 19.86 ? 2   5CM A "C4'" 1 
HETATM 30  O  "O4'" . 5CM A 1 2  ? -2.961  5.059   11.541  1.00 19.07 ? 2   5CM A "O4'" 1 
HETATM 31  O  "O3'" . 5CM A 1 2  ? 0.327   4.037   10.679  1.00 19.90 ? 2   5CM A "O3'" 1 
HETATM 32  C  "C5'" . 5CM A 1 2  ? -1.436  6.771   10.794  1.00 20.17 ? 2   5CM A "C5'" 1 
HETATM 33  O  "O5'" . 5CM A 1 2  ? -2.002  6.816   9.461   1.00 21.65 ? 2   5CM A "O5'" 1 
HETATM 34  P  P     . 5CM A 1 2  ? -1.742  8.056   8.489   1.00 21.20 ? 2   5CM A P     1 
HETATM 35  O  OP1   . 5CM A 1 2  ? -0.297  8.387   8.550   1.00 22.29 ? 2   5CM A OP1   1 
HETATM 36  O  OP2   . 5CM A 1 2  ? -2.357  7.732   7.195   1.00 20.40 ? 2   5CM A OP2   1 
ATOM   37  P  P     . DG  A 1 3  ? 1.187   3.331   9.534   1.00 21.91 ? 3   DG  A P     1 
ATOM   38  O  OP1   . DG  A 1 3  ? 2.578   3.674   9.918   1.00 22.84 ? 3   DG  A OP1   1 
ATOM   39  O  OP2   . DG  A 1 3  ? 0.688   3.670   8.182   1.00 22.91 ? 3   DG  A OP2   1 
ATOM   40  O  "O5'" . DG  A 1 3  ? 0.912   1.766   9.654   1.00 20.57 ? 3   DG  A "O5'" 1 
ATOM   41  C  "C5'" . DG  A 1 3  ? 1.144   1.071   10.880  1.00 19.21 ? 3   DG  A "C5'" 1 
ATOM   42  C  "C4'" . DG  A 1 3  ? 0.512   -0.294  10.828  1.00 19.55 ? 3   DG  A "C4'" 1 
ATOM   43  O  "O4'" . DG  A 1 3  ? -0.917  -0.184  10.697  1.00 18.71 ? 3   DG  A "O4'" 1 
ATOM   44  C  "C3'" . DG  A 1 3  ? 0.921   -1.146  9.645   1.00 19.75 ? 3   DG  A "C3'" 1 
ATOM   45  O  "O3'" . DG  A 1 3  ? 2.159   -1.795  9.889   1.00 22.63 ? 3   DG  A "O3'" 1 
ATOM   46  C  "C2'" . DG  A 1 3  ? -0.211  -2.146  9.563   1.00 19.03 ? 3   DG  A "C2'" 1 
ATOM   47  C  "C1'" . DG  A 1 3  ? -1.412  -1.318  9.984   1.00 17.55 ? 3   DG  A "C1'" 1 
ATOM   48  N  N9    . DG  A 1 3  ? -2.210  -0.850  8.850   1.00 15.41 ? 3   DG  A N9    1 
ATOM   49  C  C8    . DG  A 1 3  ? -2.239  0.406   8.305   1.00 14.61 ? 3   DG  A C8    1 
ATOM   50  N  N7    . DG  A 1 3  ? -3.025  0.494   7.272   1.00 13.52 ? 3   DG  A N7    1 
ATOM   51  C  C5    . DG  A 1 3  ? -3.561  -0.773  7.138   1.00 13.45 ? 3   DG  A C5    1 
ATOM   52  C  C6    . DG  A 1 3  ? -4.470  -1.291  6.186   1.00 13.06 ? 3   DG  A C6    1 
ATOM   53  O  O6    . DG  A 1 3  ? -5.009  -0.721  5.240   1.00 13.07 ? 3   DG  A O6    1 
ATOM   54  N  N1    . DG  A 1 3  ? -4.732  -2.627  6.411   1.00 12.68 ? 3   DG  A N1    1 
ATOM   55  C  C2    . DG  A 1 3  ? -4.194  -3.380  7.417   1.00 12.76 ? 3   DG  A C2    1 
ATOM   56  N  N2    . DG  A 1 3  ? -4.555  -4.666  7.445   1.00 13.16 ? 3   DG  A N2    1 
ATOM   57  N  N3    . DG  A 1 3  ? -3.358  -2.912  8.316   1.00 12.58 ? 3   DG  A N3    1 
ATOM   58  C  C4    . DG  A 1 3  ? -3.078  -1.612  8.112   1.00 13.39 ? 3   DG  A C4    1 
ATOM   59  P  P     . DC  A 1 4  ? 3.165   -2.067  8.673   1.00 24.46 ? 4   DC  A P     1 
ATOM   60  O  OP1   . DC  A 1 4  ? 4.449   -2.337  9.341   1.00 26.59 ? 4   DC  A OP1   1 
ATOM   61  O  OP2   . DC  A 1 4  ? 3.068   -1.021  7.615   1.00 23.89 ? 4   DC  A OP2   1 
ATOM   62  O  "O5'" . DC  A 1 4  ? 2.661   -3.411  8.009   1.00 23.25 ? 4   DC  A "O5'" 1 
ATOM   63  C  "C5'" . DC  A 1 4  ? 2.505   -4.587  8.780   1.00 21.73 ? 4   DC  A "C5'" 1 
ATOM   64  C  "C4'" . DC  A 1 4  ? 1.460   -5.457  8.140   1.00 20.87 ? 4   DC  A "C4'" 1 
ATOM   65  O  "O4'" . DC  A 1 4  ? 0.207   -4.745  8.056   1.00 20.47 ? 4   DC  A "O4'" 1 
ATOM   66  C  "C3'" . DC  A 1 4  ? 1.756   -5.866  6.706   1.00 20.52 ? 4   DC  A "C3'" 1 
ATOM   67  O  "O3'" . DC  A 1 4  ? 2.559   -7.029  6.712   1.00 20.95 ? 4   DC  A "O3'" 1 
ATOM   68  C  "C2'" . DC  A 1 4  ? 0.382   -6.224  6.194   1.00 19.75 ? 4   DC  A "C2'" 1 
ATOM   69  C  "C1'" . DC  A 1 4  ? -0.524  -5.246  6.930   1.00 18.37 ? 4   DC  A "C1'" 1 
ATOM   70  N  N1    . DC  A 1 4  ? -0.938  -4.120  6.085   1.00 16.28 ? 4   DC  A N1    1 
ATOM   71  C  C2    . DC  A 1 4  ? -1.959  -4.337  5.181   1.00 14.78 ? 4   DC  A C2    1 
ATOM   72  O  O2    . DC  A 1 4  ? -2.506  -5.444  5.143   1.00 13.82 ? 4   DC  A O2    1 
ATOM   73  N  N3    . DC  A 1 4  ? -2.337  -3.355  4.374   1.00 14.52 ? 4   DC  A N3    1 
ATOM   74  C  C4    . DC  A 1 4  ? -1.751  -2.174  4.441   1.00 14.03 ? 4   DC  A C4    1 
ATOM   75  N  N4    . DC  A 1 4  ? -2.177  -1.235  3.611   1.00 14.84 ? 4   DC  A N4    1 
ATOM   76  C  C5    . DC  A 1 4  ? -0.710  -1.906  5.362   1.00 15.34 ? 4   DC  A C5    1 
ATOM   77  C  C6    . DC  A 1 4  ? -0.339  -2.904  6.168   1.00 14.88 ? 4   DC  A C6    1 
HETATM 78  N  N1    . 5CM A 1 5  ? -0.779  -7.075  1.909   1.00 17.27 ? 5   5CM A N1    1 
HETATM 79  C  C2    . 5CM A 1 5  ? -1.544  -6.555  0.861   1.00 16.07 ? 5   5CM A C2    1 
HETATM 80  N  N3    . 5CM A 1 5  ? -1.413  -5.249  0.513   1.00 15.53 ? 5   5CM A N3    1 
HETATM 81  C  C4    . 5CM A 1 5  ? -0.561  -4.455  1.159   1.00 15.08 ? 5   5CM A C4    1 
HETATM 82  C  C5    . 5CM A 1 5  ? 0.257   -4.988  2.230   1.00 16.03 ? 5   5CM A C5    1 
HETATM 83  C  C5A   . 5CM A 1 5  ? 1.234   -4.111  2.956   1.00 15.78 ? 5   5CM A C5A   1 
HETATM 84  C  C6    . 5CM A 1 5  ? 0.124   -6.284  2.570   1.00 16.08 ? 5   5CM A C6    1 
HETATM 85  O  O2    . 5CM A 1 5  ? -2.332  -7.308  0.267   1.00 15.55 ? 5   5CM A O2    1 
HETATM 86  N  N4    . 5CM A 1 5  ? -0.540  -3.175  0.838   1.00 15.44 ? 5   5CM A N4    1 
HETATM 87  C  "C1'" . 5CM A 1 5  ? -0.983  -8.477  2.277   1.00 17.12 ? 5   5CM A "C1'" 1 
HETATM 88  C  "C2'" . 5CM A 1 5  ? -0.201  -9.422  1.388   1.00 16.87 ? 5   5CM A "C2'" 1 
HETATM 89  C  "C3'" . 5CM A 1 5  ? 1.038   -9.682  2.211   1.00 17.38 ? 5   5CM A "C3'" 1 
HETATM 90  C  "C4'" . 5CM A 1 5  ? 0.491   -9.682  3.618   1.00 18.45 ? 5   5CM A "C4'" 1 
HETATM 91  O  "O4'" . 5CM A 1 5  ? -0.506  -8.644  3.596   1.00 18.44 ? 5   5CM A "O4'" 1 
HETATM 92  O  "O3'" . 5CM A 1 5  ? 1.608   -10.930 1.915   1.00 18.40 ? 5   5CM A "O3'" 1 
HETATM 93  C  "C5'" . 5CM A 1 5  ? 1.493   -9.362  4.691   1.00 19.09 ? 5   5CM A "C5'" 1 
HETATM 94  O  "O5'" . 5CM A 1 5  ? 2.014   -8.072  4.472   1.00 21.30 ? 5   5CM A "O5'" 1 
HETATM 95  P  P     . 5CM A 1 5  ? 3.212   -7.546  5.350   1.00 21.73 ? 5   5CM A P     1 
HETATM 96  O  OP1   . 5CM A 1 5  ? 3.970   -8.735  5.754   1.00 22.40 ? 5   5CM A OP1   1 
HETATM 97  O  OP2   . 5CM A 1 5  ? 3.869   -6.396  4.701   1.00 20.63 ? 5   5CM A OP2   1 
ATOM   98  P  P     . DG  A 1 6  ? 2.920   -10.985 1.011   1.00 19.33 ? 6   DG  A P     1 
ATOM   99  O  OP1   . DG  A 1 6  ? 3.476   -12.346 1.145   1.00 20.26 ? 6   DG  A OP1   1 
ATOM   100 O  OP2   . DG  A 1 6  ? 3.766   -9.814  1.231   1.00 17.93 ? 6   DG  A OP2   1 
ATOM   101 O  "O5'" . DG  A 1 6  ? 2.395   -10.860 -0.475  1.00 18.40 ? 6   DG  A "O5'" 1 
ATOM   102 C  "C5'" . DG  A 1 6  ? 1.455   -11.794 -0.981  1.00 19.04 ? 6   DG  A "C5'" 1 
ATOM   103 C  "C4'" . DG  A 1 6  ? 0.943   -11.322 -2.318  1.00 18.51 ? 6   DG  A "C4'" 1 
ATOM   104 O  "O4'" . DG  A 1 6  ? -0.007  -10.260 -2.158  1.00 18.65 ? 6   DG  A "O4'" 1 
ATOM   105 C  "C3'" . DG  A 1 6  ? 1.997   -10.735 -3.234  1.00 19.04 ? 6   DG  A "C3'" 1 
ATOM   106 O  "O3'" . DG  A 1 6  ? 2.714   -11.752 -3.901  1.00 21.32 ? 6   DG  A "O3'" 1 
ATOM   107 C  "C2'" . DG  A 1 6  ? 1.165   -9.909  -4.190  1.00 17.84 ? 6   DG  A "C2'" 1 
ATOM   108 C  "C1'" . DG  A 1 6  ? 0.044   -9.408  -3.294  1.00 16.94 ? 6   DG  A "C1'" 1 
ATOM   109 N  N9    . DG  A 1 6  ? 0.220   -8.038  -2.836  1.00 15.66 ? 6   DG  A N9    1 
ATOM   110 C  C8    . DG  A 1 6  ? 0.791   -7.603  -1.669  1.00 14.90 ? 6   DG  A C8    1 
ATOM   111 N  N7    . DG  A 1 6  ? 0.821   -6.307  -1.578  1.00 15.14 ? 6   DG  A N7    1 
ATOM   112 C  C5    . DG  A 1 6  ? 0.232   -5.863  -2.754  1.00 14.54 ? 6   DG  A C5    1 
ATOM   113 C  C6    . DG  A 1 6  ? -0.018  -4.552  -3.229  1.00 14.01 ? 6   DG  A C6    1 
ATOM   114 O  O6    . DG  A 1 6  ? 0.215   -3.477  -2.697  1.00 13.79 ? 6   DG  A O6    1 
ATOM   115 N  N1    . DG  A 1 6  ? -0.613  -4.565  -4.463  1.00 13.71 ? 6   DG  A N1    1 
ATOM   116 C  C2    . DG  A 1 6  ? -0.951  -5.676  -5.165  1.00 13.94 ? 6   DG  A C2    1 
ATOM   117 N  N2    . DG  A 1 6  ? -1.509  -5.465  -6.363  1.00 13.67 ? 6   DG  A N2    1 
ATOM   118 N  N3    . DG  A 1 6  ? -0.753  -6.898  -4.737  1.00 14.16 ? 6   DG  A N3    1 
ATOM   119 C  C4    . DG  A 1 6  ? -0.151  -6.918  -3.530  1.00 14.60 ? 6   DG  A C4    1 
ATOM   120 P  P     . DG  A 1 7  ? 4.180   -11.436 -4.438  1.00 21.97 ? 7   DG  A P     1 
ATOM   121 O  OP1   . DG  A 1 7  ? 4.771   -12.666 -5.065  1.00 22.93 ? 7   DG  A OP1   1 
ATOM   122 O  OP2   . DG  A 1 7  ? 4.919   -10.721 -3.356  1.00 21.42 ? 7   DG  A OP2   1 
ATOM   123 O  "O5'" . DG  A 1 7  ? 3.865   -10.387 -5.575  1.00 21.02 ? 7   DG  A "O5'" 1 
ATOM   124 C  "C5'" . DG  A 1 7  ? 4.621   -9.211  -5.693  1.00 18.43 ? 7   DG  A "C5'" 1 
ATOM   125 C  "C4'" . DG  A 1 7  ? 3.992   -8.332  -6.737  1.00 17.09 ? 7   DG  A "C4'" 1 
ATOM   126 O  "O4'" . DG  A 1 7  ? 2.845   -7.670  -6.177  1.00 16.78 ? 7   DG  A "O4'" 1 
ATOM   127 C  "C3'" . DG  A 1 7  ? 4.890   -7.211  -7.209  1.00 16.25 ? 7   DG  A "C3'" 1 
ATOM   128 O  "O3'" . DG  A 1 7  ? 5.747   -7.697  -8.221  1.00 15.88 ? 7   DG  A "O3'" 1 
ATOM   129 C  "C2'" . DG  A 1 7  ? 3.893   -6.188  -7.702  1.00 16.40 ? 7   DG  A "C2'" 1 
ATOM   130 C  "C1'" . DG  A 1 7  ? 2.758   -6.354  -6.700  1.00 14.95 ? 7   DG  A "C1'" 1 
ATOM   131 N  N9    . DG  A 1 7  ? 2.922   -5.449  -5.587  1.00 14.61 ? 7   DG  A N9    1 
ATOM   132 C  C8    . DG  A 1 7  ? 3.320   -5.763  -4.313  1.00 14.19 ? 7   DG  A C8    1 
ATOM   133 N  N7    . DG  A 1 7  ? 3.405   -4.718  -3.538  1.00 14.89 ? 7   DG  A N7    1 
ATOM   134 C  C5    . DG  A 1 7  ? 3.025   -3.659  -4.355  1.00 14.07 ? 7   DG  A C5    1 
ATOM   135 C  C6    . DG  A 1 7  ? 2.925   -2.281  -4.078  1.00 13.61 ? 7   DG  A C6    1 
ATOM   136 O  O6    . DG  A 1 7  ? 3.123   -1.698  -3.008  1.00 14.39 ? 7   DG  A O6    1 
ATOM   137 N  N1    . DG  A 1 7  ? 2.545   -1.560  -5.205  1.00 12.77 ? 7   DG  A N1    1 
ATOM   138 C  C2    . DG  A 1 7  ? 2.285   -2.109  -6.433  1.00 11.74 ? 7   DG  A C2    1 
ATOM   139 N  N2    . DG  A 1 7  ? 1.986   -1.281  -7.417  1.00 10.62 ? 7   DG  A N2    1 
ATOM   140 N  N3    . DG  A 1 7  ? 2.339   -3.398  -6.685  1.00 12.27 ? 7   DG  A N3    1 
ATOM   141 C  C4    . DG  A 1 7  ? 2.724   -4.101  -5.617  1.00 12.81 ? 7   DG  A C4    1 
HETATM 142 N  N1    . 5CM A 1 8  ? 5.642   -2.045  -7.906  1.00 11.79 ? 8   5CM A N1    1 
HETATM 143 C  C2    . 5CM A 1 8  ? 5.521   -0.745  -7.458  1.00 11.99 ? 8   5CM A C2    1 
HETATM 144 N  N3    . 5CM A 1 8  ? 5.715   -0.443  -6.146  1.00 12.61 ? 8   5CM A N3    1 
HETATM 145 C  C4    . 5CM A 1 8  ? 6.026   -1.402  -5.277  1.00 12.83 ? 8   5CM A C4    1 
HETATM 146 C  C5    . 5CM A 1 8  ? 6.152   -2.763  -5.746  1.00 12.00 ? 8   5CM A C5    1 
HETATM 147 C  C5A   . 5CM A 1 8  ? 6.508   -3.859  -4.798  1.00 13.81 ? 8   5CM A C5A   1 
HETATM 148 C  C6    . 5CM A 1 8  ? 5.952   -3.045  -7.039  1.00 10.86 ? 8   5CM A C6    1 
HETATM 149 O  O2    . 5CM A 1 8  ? 5.239   0.127   -8.283  1.00 12.56 ? 8   5CM A O2    1 
HETATM 150 N  N4    . 5CM A 1 8  ? 6.191   -1.072  -3.991  1.00 13.09 ? 8   5CM A N4    1 
HETATM 151 C  "C1'" . 5CM A 1 8  ? 5.440   -2.286  -9.343  1.00 12.90 ? 8   5CM A "C1'" 1 
HETATM 152 C  "C2'" . 5CM A 1 8  ? 6.642   -1.873  -10.176 1.00 12.84 ? 8   5CM A "C2'" 1 
HETATM 153 C  "C3'" . 5CM A 1 8  ? 7.344   -3.204  -10.331 1.00 13.70 ? 8   5CM A "C3'" 1 
HETATM 154 C  "C4'" . 5CM A 1 8  ? 6.190   -4.159  -10.513 1.00 13.38 ? 8   5CM A "C4'" 1 
HETATM 155 O  "O4'" . 5CM A 1 8  ? 5.234   -3.686  -9.553  1.00 13.36 ? 8   5CM A "O4'" 1 
HETATM 156 O  "O3'" . 5CM A 1 8  ? 8.256   -3.250  -11.393 1.00 13.95 ? 8   5CM A "O3'" 1 
HETATM 157 C  "C5'" . 5CM A 1 8  ? 6.512   -5.600  -10.233 1.00 14.08 ? 8   5CM A "C5'" 1 
HETATM 158 O  "O5'" . 5CM A 1 8  ? 7.051   -5.721  -8.931  1.00 15.92 ? 8   5CM A "O5'" 1 
HETATM 159 P  P     . 5CM A 1 8  ? 7.256   -7.151  -8.302  1.00 17.21 ? 8   5CM A P     1 
HETATM 160 O  OP1   . 5CM A 1 8  ? 7.979   -7.988  -9.279  1.00 17.78 ? 8   5CM A OP1   1 
HETATM 161 O  OP2   . 5CM A 1 8  ? 7.778   -6.973  -6.941  1.00 15.94 ? 8   5CM A OP2   1 
ATOM   162 P  P     . DG  A 1 9  ? 9.731   -2.713  -11.143 1.00 15.78 ? 9   DG  A P     1 
ATOM   163 O  OP1   . DG  A 1 9  ? 10.489  -2.943  -12.377 1.00 16.61 ? 9   DG  A OP1   1 
ATOM   164 O  OP2   . DG  A 1 9  ? 10.198  -3.287  -9.854  1.00 17.42 ? 9   DG  A OP2   1 
ATOM   165 O  "O5'" . DG  A 1 9  ? 9.555   -1.150  -10.904 1.00 14.34 ? 9   DG  A "O5'" 1 
ATOM   166 C  "C5'" . DG  A 1 9  ? 9.142   -0.291  -11.971 1.00 13.08 ? 9   DG  A "C5'" 1 
ATOM   167 C  "C4'" . DG  A 1 9  ? 9.135   1.139   -11.505 1.00 12.74 ? 9   DG  A "C4'" 1 
ATOM   168 O  "O4'" . DG  A 1 9  ? 8.157   1.332   -10.474 1.00 13.36 ? 9   DG  A "O4'" 1 
ATOM   169 C  "C3'" . DG  A 1 9  ? 10.410  1.606   -10.849 1.00 13.40 ? 9   DG  A "C3'" 1 
ATOM   170 O  "O3'" . DG  A 1 9  ? 11.396  1.955   -11.794 1.00 15.42 ? 9   DG  A "O3'" 1 
ATOM   171 C  "C2'" . DG  A 1 9  ? 9.954   2.813   -10.062 1.00 13.25 ? 9   DG  A "C2'" 1 
ATOM   172 C  "C1'" . DG  A 1 9  ? 8.574   2.386   -9.612  1.00 13.29 ? 9   DG  A "C1'" 1 
ATOM   173 N  N9    . DG  A 1 9  ? 8.635   1.886   -8.246  1.00 12.58 ? 9   DG  A N9    1 
ATOM   174 C  C8    . DG  A 1 9  ? 8.759   0.596   -7.801  1.00 11.00 ? 9   DG  A C8    1 
ATOM   175 N  N7    . DG  A 1 9  ? 8.865   0.514   -6.505  1.00 11.07 ? 9   DG  A N7    1 
ATOM   176 C  C5    . DG  A 1 9  ? 8.783   1.827   -6.073  1.00 11.48 ? 9   DG  A C5    1 
ATOM   177 C  C6    . DG  A 1 9  ? 8.830   2.377   -4.773  1.00 11.38 ? 9   DG  A C6    1 
ATOM   178 O  O6    . DG  A 1 9  ? 8.976   1.799   -3.701  1.00 12.65 ? 9   DG  A O6    1 
ATOM   179 N  N1    . DG  A 1 9  ? 8.699   3.760   -4.795  1.00 11.78 ? 9   DG  A N1    1 
ATOM   180 C  C2    . DG  A 1 9  ? 8.557   4.527   -5.925  1.00 11.70 ? 9   DG  A C2    1 
ATOM   181 N  N2    . DG  A 1 9  ? 8.483   5.862   -5.755  1.00 12.68 ? 9   DG  A N2    1 
ATOM   182 N  N3    . DG  A 1 9  ? 8.503   4.025   -7.139  1.00 11.37 ? 9   DG  A N3    1 
ATOM   183 C  C4    . DG  A 1 9  ? 8.627   2.680   -7.137  1.00 12.37 ? 9   DG  A C4    1 
ATOM   184 P  P     . DG  A 1 10 ? 12.880  2.244   -11.280 1.00 14.96 ? 10  DG  A P     1 
ATOM   185 O  OP1   . DG  A 1 10 ? 13.685  2.245   -12.507 1.00 15.57 ? 10  DG  A OP1   1 
ATOM   186 O  OP2   . DG  A 1 10 ? 13.224  1.328   -10.173 1.00 15.37 ? 10  DG  A OP2   1 
ATOM   187 O  "O5'" . DG  A 1 10 ? 12.763  3.706   -10.666 1.00 15.04 ? 10  DG  A "O5'" 1 
ATOM   188 C  "C5'" . DG  A 1 10 ? 12.528  4.829   -11.490 1.00 14.74 ? 10  DG  A "C5'" 1 
ATOM   189 C  "C4'" . DG  A 1 10 ? 12.620  6.072   -10.650 1.00 15.58 ? 10  DG  A "C4'" 1 
ATOM   190 O  "O4'" . DG  A 1 10 ? 11.723  5.938   -9.528  1.00 15.83 ? 10  DG  A "O4'" 1 
ATOM   191 C  "C3'" . DG  A 1 10 ? 13.987  6.286   -10.019 1.00 15.63 ? 10  DG  A "C3'" 1 
ATOM   192 O  "O3'" . DG  A 1 10 ? 14.914  6.845   -10.932 1.00 16.48 ? 10  DG  A "O3'" 1 
ATOM   193 C  "C2'" . DG  A 1 10 ? 13.657  7.103   -8.792  1.00 16.14 ? 10  DG  A "C2'" 1 
ATOM   194 C  "C1'" . DG  A 1 10 ? 12.273  6.603   -8.405  1.00 14.07 ? 10  DG  A "C1'" 1 
ATOM   195 N  N9    . DG  A 1 10 ? 12.278  5.673   -7.298  1.00 13.04 ? 10  DG  A N9    1 
ATOM   196 C  C8    . DG  A 1 10 ? 12.404  4.312   -7.344  1.00 12.46 ? 10  DG  A C8    1 
ATOM   197 N  N7    . DG  A 1 10 ? 12.317  3.753   -6.171  1.00 11.73 ? 10  DG  A N7    1 
ATOM   198 C  C5    . DG  A 1 10 ? 12.123  4.814   -5.306  1.00 12.04 ? 10  DG  A C5    1 
ATOM   199 C  C6    . DG  A 1 10 ? 11.935  4.840   -3.911  1.00 11.86 ? 10  DG  A C6    1 
ATOM   200 O  O6    . DG  A 1 10 ? 11.878  3.908   -3.126  1.00 13.42 ? 10  DG  A O6    1 
ATOM   201 N  N1    . DG  A 1 10 ? 11.806  6.133   -3.438  1.00 12.45 ? 10  DG  A N1    1 
ATOM   202 C  C2    . DG  A 1 10 ? 11.841  7.255   -4.195  1.00 13.41 ? 10  DG  A C2    1 
ATOM   203 N  N2    . DG  A 1 10 ? 11.706  8.403   -3.530  1.00 13.42 ? 10  DG  A N2    1 
ATOM   204 N  N3    . DG  A 1 10 ? 11.999  7.256   -5.505  1.00 12.85 ? 10  DG  A N3    1 
ATOM   205 C  C4    . DG  A 1 10 ? 12.128  6.007   -5.988  1.00 12.54 ? 10  DG  A C4    1 
ATOM   206 O  "O5'" . DC  B 1 1  ? 12.556  7.472   5.344   1.00 21.51 ? 11  DC  B "O5'" 1 
ATOM   207 C  "C5'" . DC  B 1 1  ? 12.831  8.875   5.265   1.00 20.37 ? 11  DC  B "C5'" 1 
ATOM   208 C  "C4'" . DC  B 1 1  ? 12.278  9.528   4.022   1.00 19.37 ? 11  DC  B "C4'" 1 
ATOM   209 O  "O4'" . DC  B 1 1  ? 12.986  9.081   2.843   1.00 19.59 ? 11  DC  B "O4'" 1 
ATOM   210 C  "C3'" . DC  B 1 1  ? 10.822  9.226   3.718   1.00 19.65 ? 11  DC  B "C3'" 1 
ATOM   211 O  "O3'" . DC  B 1 1  ? 9.983   10.063  4.483   1.00 20.20 ? 11  DC  B "O3'" 1 
ATOM   212 C  "C2'" . DC  B 1 1  ? 10.733  9.523   2.232   1.00 19.17 ? 11  DC  B "C2'" 1 
ATOM   213 C  "C1'" . DC  B 1 1  ? 12.097  9.062   1.717   1.00 18.69 ? 11  DC  B "C1'" 1 
ATOM   214 N  N1    . DC  B 1 1  ? 12.053  7.680   1.190   1.00 17.14 ? 11  DC  B N1    1 
ATOM   215 C  C2    . DC  B 1 1  ? 11.867  7.474   -0.182  1.00 16.10 ? 11  DC  B C2    1 
ATOM   216 O  O2    . DC  B 1 1  ? 11.761  8.424   -0.919  1.00 16.25 ? 11  DC  B O2    1 
ATOM   217 N  N3    . DC  B 1 1  ? 11.799  6.230   -0.665  1.00 15.58 ? 11  DC  B N3    1 
ATOM   218 C  C4    . DC  B 1 1  ? 11.903  5.194   0.151   1.00 16.10 ? 11  DC  B C4    1 
ATOM   219 N  N4    . DC  B 1 1  ? 11.815  3.981   -0.388  1.00 16.68 ? 11  DC  B N4    1 
ATOM   220 C  C5    . DC  B 1 1  ? 12.100  5.356   1.556   1.00 16.48 ? 11  DC  B C5    1 
ATOM   221 C  C6    . DC  B 1 1  ? 12.174  6.607   2.029   1.00 16.20 ? 11  DC  B C6    1 
HETATM 222 N  N1    . 5CM B 1 2  ? 8.306   6.776   -0.917  1.00 17.60 ? 12  5CM B N1    1 
HETATM 223 C  C2    . 5CM B 1 2  ? 8.460   6.107   -2.130  1.00 16.54 ? 12  5CM B C2    1 
HETATM 224 N  N3    . 5CM B 1 2  ? 8.604   4.777   -2.151  1.00 16.47 ? 12  5CM B N3    1 
HETATM 225 C  C4    . 5CM B 1 2  ? 8.623   4.070   -1.018  1.00 15.57 ? 12  5CM B C4    1 
HETATM 226 C  C5    . 5CM B 1 2  ? 8.492   4.738   0.240   1.00 15.45 ? 12  5CM B C5    1 
HETATM 227 C  C5A   . 5CM B 1 2  ? 8.553   3.967   1.518   1.00 15.63 ? 12  5CM B C5A   1 
HETATM 228 C  C6    . 5CM B 1 2  ? 8.327   6.076   0.255   1.00 15.63 ? 12  5CM B C6    1 
HETATM 229 O  O2    . 5CM B 1 2  ? 8.466   6.745   -3.159  1.00 17.02 ? 12  5CM B O2    1 
HETATM 230 N  N4    . 5CM B 1 2  ? 8.750   2.750   -1.109  1.00 15.56 ? 12  5CM B N4    1 
HETATM 231 C  "C1'" . 5CM B 1 2  ? 8.106   8.242   -0.948  1.00 18.91 ? 12  5CM B "C1'" 1 
HETATM 232 C  "C2'" . 5CM B 1 2  ? 6.656   8.613   -1.284  1.00 19.84 ? 12  5CM B "C2'" 1 
HETATM 233 C  "C3'" . 5CM B 1 2  ? 6.046   8.759   0.094   1.00 20.64 ? 12  5CM B "C3'" 1 
HETATM 234 C  "C4'" . 5CM B 1 2  ? 7.176   9.380   0.886   1.00 20.33 ? 12  5CM B "C4'" 1 
HETATM 235 O  "O4'" . 5CM B 1 2  ? 8.370   8.755   0.363   1.00 20.24 ? 12  5CM B "O4'" 1 
HETATM 236 O  "O3'" . 5CM B 1 2  ? 4.939   9.629   0.109   1.00 22.00 ? 12  5CM B "O3'" 1 
HETATM 237 C  "C5'" . 5CM B 1 2  ? 7.071   9.161   2.367   1.00 20.00 ? 12  5CM B "C5'" 1 
HETATM 238 O  "O5'" . 5CM B 1 2  ? 7.989   10.016  3.025   1.00 21.23 ? 12  5CM B "O5'" 1 
HETATM 239 P  P     . 5CM B 1 2  ? 8.420   9.775   4.528   1.00 21.60 ? 12  5CM B P     1 
HETATM 240 O  OP1   . 5CM B 1 2  ? 7.817   10.825  5.369   1.00 22.24 ? 12  5CM B OP1   1 
HETATM 241 O  OP2   . 5CM B 1 2  ? 8.237   8.341   4.886   1.00 22.12 ? 12  5CM B OP2   1 
ATOM   242 P  P     . DG  B 1 3  ? 3.480   9.038   -0.113  1.00 21.90 ? 13  DG  B P     1 
ATOM   243 O  OP1   . DG  B 1 3  ? 2.606   10.210  0.078   1.00 23.57 ? 13  DG  B OP1   1 
ATOM   244 O  OP2   . DG  B 1 3  ? 3.265   7.791   0.653   1.00 22.13 ? 13  DG  B OP2   1 
ATOM   245 O  "O5'" . DG  B 1 3  ? 3.444   8.664   -1.637  1.00 21.16 ? 13  DG  B "O5'" 1 
ATOM   246 C  "C5'" . DG  B 1 3  ? 3.461   9.694   -2.591  1.00 19.53 ? 13  DG  B "C5'" 1 
ATOM   247 C  "C4'" . DG  B 1 3  ? 3.529   9.099   -3.963  1.00 18.56 ? 13  DG  B "C4'" 1 
ATOM   248 O  "O4'" . DG  B 1 3  ? 4.760   8.363   -4.123  1.00 18.67 ? 13  DG  B "O4'" 1 
ATOM   249 C  "C3'" . DG  B 1 3  ? 2.449   8.075   -4.220  1.00 18.33 ? 13  DG  B "C3'" 1 
ATOM   250 O  "O3'" . DG  B 1 3  ? 1.237   8.707   -4.563  1.00 19.08 ? 13  DG  B "O3'" 1 
ATOM   251 C  "C2'" . DG  B 1 3  ? 3.046   7.291   -5.372  1.00 17.92 ? 13  DG  B "C2'" 1 
ATOM   252 C  "C1'" . DG  B 1 3  ? 4.521   7.257   -4.997  1.00 17.10 ? 13  DG  B "C1'" 1 
ATOM   253 N  N9    . DG  B 1 3  ? 4.818   6.025   -4.277  1.00 15.00 ? 13  DG  B N9    1 
ATOM   254 C  C8    . DG  B 1 3  ? 4.943   5.836   -2.923  1.00 13.89 ? 13  DG  B C8    1 
ATOM   255 N  N7    . DG  B 1 3  ? 5.168   4.591   -2.606  1.00 13.49 ? 13  DG  B N7    1 
ATOM   256 C  C5    . DG  B 1 3  ? 5.216   3.931   -3.822  1.00 12.43 ? 13  DG  B C5    1 
ATOM   257 C  C6    . DG  B 1 3  ? 5.445   2.579   -4.118  1.00 10.88 ? 13  DG  B C6    1 
ATOM   258 O  O6    . DG  B 1 3  ? 5.660   1.657   -3.348  1.00 11.76 ? 13  DG  B O6    1 
ATOM   259 N  N1    . DG  B 1 3  ? 5.401   2.336   -5.483  1.00 9.97  ? 13  DG  B N1    1 
ATOM   260 C  C2    . DG  B 1 3  ? 5.156   3.273   -6.434  1.00 11.42 ? 13  DG  B C2    1 
ATOM   261 N  N2    . DG  B 1 3  ? 5.109   2.848   -7.683  1.00 11.10 ? 13  DG  B N2    1 
ATOM   262 N  N3    . DG  B 1 3  ? 4.953   4.543   -6.175  1.00 12.68 ? 13  DG  B N3    1 
ATOM   263 C  C4    . DG  B 1 3  ? 4.996   4.800   -4.859  1.00 13.16 ? 13  DG  B C4    1 
ATOM   264 P  P     . DC  B 1 4  ? -0.150  7.979   -4.257  1.00 18.74 ? 14  DC  B P     1 
ATOM   265 O  OP1   . DC  B 1 4  ? -1.159  8.992   -4.676  1.00 20.55 ? 14  DC  B OP1   1 
ATOM   266 O  OP2   . DC  B 1 4  ? -0.171  7.447   -2.875  1.00 18.25 ? 14  DC  B OP2   1 
ATOM   267 O  "O5'" . DC  B 1 4  ? -0.211  6.810   -5.326  1.00 19.28 ? 14  DC  B "O5'" 1 
ATOM   268 C  "C5'" . DC  B 1 4  ? -0.085  7.110   -6.730  1.00 17.06 ? 14  DC  B "C5'" 1 
ATOM   269 C  "C4'" . DC  B 1 4  ? 0.080   5.836   -7.520  1.00 16.21 ? 14  DC  B "C4'" 1 
ATOM   270 O  "O4'" . DC  B 1 4  ? 1.337   5.185   -7.203  1.00 15.35 ? 14  DC  B "O4'" 1 
ATOM   271 C  "C3'" . DC  B 1 4  ? -0.988  4.784   -7.263  1.00 14.58 ? 14  DC  B "C3'" 1 
ATOM   272 O  "O3'" . DC  B 1 4  ? -2.112  5.046   -8.096  1.00 14.70 ? 14  DC  B "O3'" 1 
ATOM   273 C  "C2'" . DC  B 1 4  ? -0.278  3.512   -7.691  1.00 14.10 ? 14  DC  B "C2'" 1 
ATOM   274 C  "C1'" . DC  B 1 4  ? 1.185   3.765   -7.310  1.00 13.83 ? 14  DC  B "C1'" 1 
ATOM   275 N  N1    . DC  B 1 4  ? 1.544   3.167   -6.020  1.00 13.02 ? 14  DC  B N1    1 
ATOM   276 C  C2    . DC  B 1 4  ? 1.908   1.829   -5.984  1.00 13.02 ? 14  DC  B C2    1 
ATOM   277 O  O2    . DC  B 1 4  ? 1.943   1.190   -7.037  1.00 13.47 ? 14  DC  B O2    1 
ATOM   278 N  N3    . DC  B 1 4  ? 2.221   1.257   -4.802  1.00 12.31 ? 14  DC  B N3    1 
ATOM   279 C  C4    . DC  B 1 4  ? 2.205   1.983   -3.686  1.00 11.80 ? 14  DC  B C4    1 
ATOM   280 N  N4    . DC  B 1 4  ? 2.577   1.392   -2.550  1.00 12.13 ? 14  DC  B N4    1 
ATOM   281 C  C5    . DC  B 1 4  ? 1.826   3.347   -3.687  1.00 11.55 ? 14  DC  B C5    1 
ATOM   282 C  C6    . DC  B 1 4  ? 1.510   3.899   -4.865  1.00 12.43 ? 14  DC  B C6    1 
HETATM 283 N  N1    . 5CM B 1 5  ? -1.678  -0.807  -7.415  1.00 13.05 ? 15  5CM B N1    1 
HETATM 284 C  C2    . 5CM B 1 5  ? -1.321  -1.980  -6.795  1.00 13.01 ? 15  5CM B C2    1 
HETATM 285 N  N3    . 5CM B 1 5  ? -0.978  -1.985  -5.489  1.00 12.28 ? 15  5CM B N3    1 
HETATM 286 C  C4    . 5CM B 1 5  ? -1.008  -0.867  -4.774  1.00 12.01 ? 15  5CM B C4    1 
HETATM 287 C  C5    . 5CM B 1 5  ? -1.419  0.370   -5.404  1.00 12.35 ? 15  5CM B C5    1 
HETATM 288 C  C5A   . 5CM B 1 5  ? -1.533  1.636   -4.615  1.00 11.73 ? 15  5CM B C5A   1 
HETATM 289 C  C6    . 5CM B 1 5  ? -1.721  0.361   -6.709  1.00 12.73 ? 15  5CM B C6    1 
HETATM 290 O  O2    . 5CM B 1 5  ? -1.334  -3.018  -7.454  1.00 14.41 ? 15  5CM B O2    1 
HETATM 291 N  N4    . 5CM B 1 5  ? -0.609  -0.912  -3.508  1.00 11.27 ? 15  5CM B N4    1 
HETATM 292 C  "C1'" . 5CM B 1 5  ? -2.010  -0.837  -8.849  1.00 13.83 ? 15  5CM B "C1'" 1 
HETATM 293 C  "C2'" . 5CM B 1 5  ? -3.486  -1.116  -9.137  1.00 13.56 ? 15  5CM B "C2'" 1 
HETATM 294 C  "C3'" . 5CM B 1 5  ? -4.040  0.287   -9.280  1.00 14.76 ? 15  5CM B "C3'" 1 
HETATM 295 C  "C4'" . 5CM B 1 5  ? -2.894  1.025   -9.947  1.00 14.51 ? 15  5CM B "C4'" 1 
HETATM 296 O  "O4'" . 5CM B 1 5  ? -1.709  0.441   -9.383  1.00 13.50 ? 15  5CM B "O4'" 1 
HETATM 297 O  "O3'" . 5CM B 1 5  ? -5.217  0.364   -10.071 1.00 14.67 ? 15  5CM B "O3'" 1 
HETATM 298 C  "C5'" . 5CM B 1 5  ? -2.923  2.512   -9.718  1.00 14.78 ? 15  5CM B "C5'" 1 
HETATM 299 O  "O5'" . 5CM B 1 5  ? -3.260  2.779   -8.359  1.00 14.67 ? 15  5CM B "O5'" 1 
HETATM 300 P  P     . 5CM B 1 5  ? -3.494  4.261   -7.855  1.00 16.31 ? 15  5CM B P     1 
HETATM 301 O  OP1   . 5CM B 1 5  ? -4.457  4.926   -8.757  1.00 16.45 ? 15  5CM B OP1   1 
HETATM 302 O  OP2   . 5CM B 1 5  ? -3.758  4.148   -6.411  1.00 15.54 ? 15  5CM B OP2   1 
ATOM   303 P  P     . DG  B 1 6  ? -6.628  0.318   -9.359  1.00 15.88 ? 16  DG  B P     1 
ATOM   304 O  OP1   . DG  B 1 6  ? -7.671  0.463   -10.436 1.00 16.55 ? 16  DG  B OP1   1 
ATOM   305 O  OP2   . DG  B 1 6  ? -6.639  1.213   -8.177  1.00 15.87 ? 16  DG  B OP2   1 
ATOM   306 O  "O5'" . DG  B 1 6  ? -6.684  -1.163  -8.831  1.00 15.79 ? 16  DG  B "O5'" 1 
ATOM   307 C  "C5'" . DG  B 1 6  ? -7.204  -1.450  -7.560  1.00 16.31 ? 16  DG  B "C5'" 1 
ATOM   308 C  "C4'" . DG  B 1 6  ? -6.963  -2.904  -7.257  1.00 15.77 ? 16  DG  B "C4'" 1 
ATOM   309 O  "O4'" . DG  B 1 6  ? -5.543  -3.112  -7.167  1.00 15.93 ? 16  DG  B "O4'" 1 
ATOM   310 C  "C3'" . DG  B 1 6  ? -7.501  -3.358  -5.919  1.00 16.95 ? 16  DG  B "C3'" 1 
ATOM   311 O  "O3'" . DG  B 1 6  ? -8.867  -3.743  -6.031  1.00 17.74 ? 16  DG  B "O3'" 1 
ATOM   312 C  "C2'" . DG  B 1 6  ? -6.594  -4.527  -5.591  1.00 16.48 ? 16  DG  B "C2'" 1 
ATOM   313 C  "C1'" . DG  B 1 6  ? -5.262  -4.039  -6.136  1.00 14.58 ? 16  DG  B "C1'" 1 
ATOM   314 N  N9    . DG  B 1 6  ? -4.551  -3.326  -5.096  1.00 13.64 ? 16  DG  B N9    1 
ATOM   315 C  C8    . DG  B 1 6  ? -4.343  -1.977  -4.997  1.00 13.11 ? 16  DG  B C8    1 
ATOM   316 N  N7    . DG  B 1 6  ? -3.745  -1.643  -3.894  1.00 12.82 ? 16  DG  B N7    1 
ATOM   317 C  C5    . DG  B 1 6  ? -3.537  -2.848  -3.240  1.00 12.70 ? 16  DG  B C5    1 
ATOM   318 C  C6    . DG  B 1 6  ? -2.953  -3.117  -1.997  1.00 12.51 ? 16  DG  B C6    1 
ATOM   319 O  O6    . DG  B 1 6  ? -2.515  -2.323  -1.166  1.00 13.14 ? 16  DG  B O6    1 
ATOM   320 N  N1    . DG  B 1 6  ? -2.917  -4.476  -1.730  1.00 12.13 ? 16  DG  B N1    1 
ATOM   321 C  C2    . DG  B 1 6  ? -3.408  -5.453  -2.539  1.00 12.45 ? 16  DG  B C2    1 
ATOM   322 N  N2    . DG  B 1 6  ? -3.299  -6.716  -2.082  1.00 12.12 ? 16  DG  B N2    1 
ATOM   323 N  N3    . DG  B 1 6  ? -3.971  -5.213  -3.707  1.00 13.27 ? 16  DG  B N3    1 
ATOM   324 C  C4    . DG  B 1 6  ? -4.002  -3.892  -3.987  1.00 13.11 ? 16  DG  B C4    1 
ATOM   325 P  P     . DG  B 1 7  ? -9.828  -3.591  -4.755  1.00 18.99 ? 17  DG  B P     1 
ATOM   326 O  OP1   . DG  B 1 7  ? -11.179 -4.080  -5.153  1.00 20.59 ? 17  DG  B OP1   1 
ATOM   327 O  OP2   . DG  B 1 7  ? -9.670  -2.231  -4.186  1.00 19.16 ? 17  DG  B OP2   1 
ATOM   328 O  "O5'" . DG  B 1 7  ? -9.208  -4.586  -3.671  1.00 18.41 ? 17  DG  B "O5'" 1 
ATOM   329 C  "C5'" . DG  B 1 7  ? -9.089  -5.987  -3.943  1.00 16.09 ? 17  DG  B "C5'" 1 
ATOM   330 C  "C4'" . DG  B 1 7  ? -8.499  -6.693  -2.748  1.00 16.28 ? 17  DG  B "C4'" 1 
ATOM   331 O  "O4'" . DG  B 1 7  ? -7.124  -6.294  -2.565  1.00 15.69 ? 17  DG  B "O4'" 1 
ATOM   332 C  "C3'" . DG  B 1 7  ? -9.140  -6.364  -1.413  1.00 15.79 ? 17  DG  B "C3'" 1 
ATOM   333 O  "O3'" . DG  B 1 7  ? -10.347 -7.071  -1.166  1.00 16.33 ? 17  DG  B "O3'" 1 
ATOM   334 C  "C2'" . DG  B 1 7  ? -8.057  -6.734  -0.424  1.00 15.24 ? 17  DG  B "C2'" 1 
ATOM   335 C  "C1'" . DG  B 1 7  ? -6.804  -6.353  -1.169  1.00 14.23 ? 17  DG  B "C1'" 1 
ATOM   336 N  N9    . DG  B 1 7  ? -6.328  -5.052  -0.740  1.00 12.87 ? 17  DG  B N9    1 
ATOM   337 C  C8    . DG  B 1 7  ? -6.573  -3.823  -1.296  1.00 12.19 ? 17  DG  B C8    1 
ATOM   338 N  N7    . DG  B 1 7  ? -5.972  -2.858  -0.664  1.00 12.51 ? 17  DG  B N7    1 
ATOM   339 C  C5    . DG  B 1 7  ? -5.295  -3.494  0.364   1.00 12.36 ? 17  DG  B C5    1 
ATOM   340 C  C6    . DG  B 1 7  ? -4.456  -2.974  1.390   1.00 11.98 ? 17  DG  B C6    1 
ATOM   341 O  O6    . DG  B 1 7  ? -4.131  -1.816  1.602   1.00 12.71 ? 17  DG  B O6    1 
ATOM   342 N  N1    . DG  B 1 7  ? -3.994  -3.979  2.232   1.00 12.51 ? 17  DG  B N1    1 
ATOM   343 C  C2    . DG  B 1 7  ? -4.307  -5.308  2.111   1.00 12.72 ? 17  DG  B C2    1 
ATOM   344 N  N2    . DG  B 1 7  ? -3.819  -6.112  3.022   1.00 13.35 ? 17  DG  B N2    1 
ATOM   345 N  N3    . DG  B 1 7  ? -5.065  -5.803  1.164   1.00 13.11 ? 17  DG  B N3    1 
ATOM   346 C  C4    . DG  B 1 7  ? -5.520  -4.843  0.328   1.00 12.94 ? 17  DG  B C4    1 
HETATM 347 N  N1    . 5CM B 1 8  ? -7.746  -5.644  3.832   1.00 14.38 ? 18  5CM B N1    1 
HETATM 348 C  C2    . 5CM B 1 8  ? -6.872  -4.969  4.664   1.00 14.32 ? 18  5CM B C2    1 
HETATM 349 N  N3    . 5CM B 1 8  ? -6.638  -3.645  4.471   1.00 13.36 ? 18  5CM B N3    1 
HETATM 350 C  C4    . 5CM B 1 8  ? -7.242  -2.981  3.476   1.00 14.07 ? 18  5CM B C4    1 
HETATM 351 C  C5    . 5CM B 1 8  ? -8.174  -3.677  2.623   1.00 13.75 ? 18  5CM B C5    1 
HETATM 352 C  C5A   . 5CM B 1 8  ? -8.912  -2.952  1.546   1.00 14.09 ? 18  5CM B C5A   1 
HETATM 353 C  C6    . 5CM B 1 8  ? -8.383  -4.985  2.820   1.00 13.67 ? 18  5CM B C6    1 
HETATM 354 O  O2    . 5CM B 1 8  ? -6.314  -5.599  5.577   1.00 15.26 ? 18  5CM B O2    1 
HETATM 355 N  N4    . 5CM B 1 8  ? -6.876  -1.721  3.231   1.00 12.58 ? 18  5CM B N4    1 
HETATM 356 C  "C1'" . 5CM B 1 8  ? -7.983  -7.073  4.081   1.00 14.43 ? 18  5CM B "C1'" 1 
HETATM 357 C  "C2'" . 5CM B 1 8  ? -9.161  -7.263  5.026   1.00 15.48 ? 18  5CM B "C2'" 1 
HETATM 358 C  "C3'" . 5CM B 1 8  ? -10.313 -7.514  4.079   1.00 15.51 ? 18  5CM B "C3'" 1 
HETATM 359 C  "C4'" . 5CM B 1 8  ? -9.641  -8.287  2.964   1.00 15.69 ? 18  5CM B "C4'" 1 
HETATM 360 O  "O4'" . 5CM B 1 8  ? -8.336  -7.675  2.847   1.00 15.55 ? 18  5CM B "O4'" 1 
HETATM 361 O  "O3'" . 5CM B 1 8  ? -11.342 -8.298  4.667   1.00 17.17 ? 18  5CM B "O3'" 1 
HETATM 362 C  "C5'" . 5CM B 1 8  ? -10.375 -8.218  1.653   1.00 16.26 ? 18  5CM B "C5'" 1 
HETATM 363 O  "O5'" . 5CM B 1 8  ? -10.652 -6.861  1.324   1.00 16.82 ? 18  5CM B "O5'" 1 
HETATM 364 P  P     . 5CM B 1 8  ? -11.339 -6.496  -0.065  1.00 17.86 ? 18  5CM B P     1 
HETATM 365 O  OP1   . 5CM B 1 8  ? -12.606 -7.244  -0.197  1.00 19.85 ? 18  5CM B OP1   1 
HETATM 366 O  OP2   . 5CM B 1 8  ? -11.324 -5.019  -0.174  1.00 18.50 ? 18  5CM B OP2   1 
ATOM   367 P  P     . DG  B 1 9  ? -12.340 -7.626  5.723   1.00 16.50 ? 19  DG  B P     1 
ATOM   368 O  OP1   . DG  B 1 9  ? -13.282 -8.699  6.096   1.00 17.20 ? 19  DG  B OP1   1 
ATOM   369 O  OP2   . DG  B 1 9  ? -12.856 -6.330  5.233   1.00 17.16 ? 19  DG  B OP2   1 
ATOM   370 O  "O5'" . DG  B 1 9  ? -11.353 -7.360  6.921   1.00 16.78 ? 19  DG  B "O5'" 1 
ATOM   371 C  "C5'" . DG  B 1 9  ? -11.566 -6.355  7.874   1.00 14.90 ? 19  DG  B "C5'" 1 
ATOM   372 C  "C4'" . DG  B 1 9  ? -10.310 -6.234  8.684   1.00 14.85 ? 19  DG  B "C4'" 1 
ATOM   373 O  "O4'" . DG  B 1 9  ? -9.256  -5.955  7.737   1.00 14.31 ? 19  DG  B "O4'" 1 
ATOM   374 C  "C3'" . DG  B 1 9  ? -10.260 -5.089  9.670   1.00 14.61 ? 19  DG  B "C3'" 1 
ATOM   375 O  "O3'" . DG  B 1 9  ? -10.834 -5.445  10.920  1.00 15.38 ? 19  DG  B "O3'" 1 
ATOM   376 C  "C2'" . DG  B 1 9  ? -8.777  -4.829  9.762   1.00 14.34 ? 19  DG  B "C2'" 1 
ATOM   377 C  "C1'" . DG  B 1 9  ? -8.343  -5.044  8.323   1.00 13.63 ? 19  DG  B "C1'" 1 
ATOM   378 N  N9    . DG  B 1 9  ? -8.464  -3.779  7.620   1.00 12.78 ? 19  DG  B N9    1 
ATOM   379 C  C8    . DG  B 1 9  ? -9.234  -3.459  6.530   1.00 11.23 ? 19  DG  B C8    1 
ATOM   380 N  N7    . DG  B 1 9  ? -9.144  -2.199  6.198   1.00 11.94 ? 19  DG  B N7    1 
ATOM   381 C  C5    . DG  B 1 9  ? -8.238  -1.672  7.119   1.00 12.09 ? 19  DG  B C5    1 
ATOM   382 C  C6    . DG  B 1 9  ? -7.720  -0.358  7.279   1.00 11.84 ? 19  DG  B C6    1 
ATOM   383 O  O6    . DG  B 1 9  ? -7.938  0.645   6.610   1.00 10.98 ? 19  DG  B O6    1 
ATOM   384 N  N1    . DG  B 1 9  ? -6.855  -0.280  8.365   1.00 11.26 ? 19  DG  B N1    1 
ATOM   385 C  C2    . DG  B 1 9  ? -6.520  -1.317  9.194   1.00 12.36 ? 19  DG  B C2    1 
ATOM   386 N  N2    . DG  B 1 9  ? -5.711  -1.038  10.231  1.00 11.98 ? 19  DG  B N2    1 
ATOM   387 N  N3    . DG  B 1 9  ? -6.959  -2.537  9.036   1.00 12.04 ? 19  DG  B N3    1 
ATOM   388 C  C4    . DG  B 1 9  ? -7.813  -2.642  7.991   1.00 12.76 ? 19  DG  B C4    1 
ATOM   389 P  P     . DG  B 1 10 ? -12.109 -4.634  11.437  1.00 15.40 ? 20  DG  B P     1 
ATOM   390 O  OP1   . DG  B 1 10 ? -12.552 -5.155  12.742  1.00 16.03 ? 20  DG  B OP1   1 
ATOM   391 O  OP2   . DG  B 1 10 ? -13.054 -4.570  10.308  1.00 15.51 ? 20  DG  B OP2   1 
ATOM   392 O  "O5'" . DG  B 1 10 ? -11.553 -3.189  11.711  1.00 14.17 ? 20  DG  B "O5'" 1 
ATOM   393 C  "C5'" . DG  B 1 10 ? -11.003 -2.879  12.979  1.00 15.01 ? 20  DG  B "C5'" 1 
ATOM   394 C  "C4'" . DG  B 1 10 ? -9.535  -3.241  13.021  1.00 13.67 ? 20  DG  B "C4'" 1 
ATOM   395 O  "O4'" . DG  B 1 10 ? -8.875  -2.757  11.827  1.00 13.85 ? 20  DG  B "O4'" 1 
ATOM   396 C  "C3'" . DG  B 1 10 ? -8.833  -2.552  14.179  1.00 13.47 ? 20  DG  B "C3'" 1 
ATOM   397 O  "O3'" . DG  B 1 10 ? -7.591  -3.143  14.404  1.00 13.73 ? 20  DG  B "O3'" 1 
ATOM   398 C  "C2'" . DG  B 1 10 ? -8.430  -1.216  13.571  1.00 12.98 ? 20  DG  B "C2'" 1 
ATOM   399 C  "C1'" . DG  B 1 10 ? -8.252  -1.501  12.088  1.00 13.13 ? 20  DG  B "C1'" 1 
ATOM   400 N  N9    . DG  B 1 10 ? -8.874  -0.522  11.203  1.00 12.78 ? 20  DG  B N9    1 
ATOM   401 C  C8    . DG  B 1 10 ? -9.851  -0.796  10.292  1.00 12.03 ? 20  DG  B C8    1 
ATOM   402 N  N7    . DG  B 1 10 ? -10.184 0.228   9.566   1.00 11.98 ? 20  DG  B N7    1 
ATOM   403 C  C5    . DG  B 1 10 ? -9.400  1.259   10.036  1.00 12.06 ? 20  DG  B C5    1 
ATOM   404 C  C6    . DG  B 1 10 ? -9.331  2.598   9.614   1.00 12.24 ? 20  DG  B C6    1 
ATOM   405 O  O6    . DG  B 1 10 ? -9.931  3.136   8.697   1.00 13.02 ? 20  DG  B O6    1 
ATOM   406 N  N1    . DG  B 1 10 ? -8.428  3.330   10.368  1.00 12.02 ? 20  DG  B N1    1 
ATOM   407 C  C2    . DG  B 1 10 ? -7.673  2.831   11.395  1.00 12.72 ? 20  DG  B C2    1 
ATOM   408 N  N2    . DG  B 1 10 ? -6.871  3.725   11.988  1.00 11.48 ? 20  DG  B N2    1 
ATOM   409 N  N3    . DG  B 1 10 ? -7.706  1.560   11.795  1.00 11.35 ? 20  DG  B N3    1 
ATOM   410 C  C4    . DG  B 1 10 ? -8.591  0.830   11.068  1.00 12.41 ? 20  DG  B C4    1 
HETATM 411 MG MG    . MG  C 2 .  ? -12.203 0.487   5.965   1.00 33.52 ? 21  MG  B MG    1 
HETATM 412 O  O     . HOH D 3 .  ? -4.883  1.555   4.007   1.00 21.66 ? 31  HOH A O     1 
HETATM 413 O  O     . HOH D 3 .  ? -3.033  2.892   5.792   1.00 21.99 ? 32  HOH A O     1 
HETATM 414 O  O     . HOH D 3 .  ? -1.476  4.736   6.604   1.00 33.30 ? 33  HOH A O     1 
HETATM 415 O  O     . HOH D 3 .  ? -1.181  1.621   3.956   1.00 27.63 ? 34  HOH A O     1 
HETATM 416 O  O     . HOH D 3 .  ? 12.043  -4.124  -15.804 1.00 39.72 ? 44  HOH A O     1 
HETATM 417 O  O     . HOH D 3 .  ? 8.278   5.865   -9.677  1.00 31.68 ? 50  HOH A O     1 
HETATM 418 O  O     . HOH D 3 .  ? 8.881   4.423   -12.961 1.00 28.99 ? 51  HOH A O     1 
HETATM 419 O  O     . HOH D 3 .  ? 6.313   7.607   -11.859 1.00 37.51 ? 52  HOH A O     1 
HETATM 420 O  O     . HOH D 3 .  ? 9.768   -2.154  -14.807 1.00 37.66 ? 53  HOH A O     1 
HETATM 421 O  O     . HOH D 3 .  ? 15.812  -1.729  -13.532 1.00 27.45 ? 54  HOH A O     1 
HETATM 422 O  O     . HOH D 3 .  ? 15.705  -4.201  -13.921 1.00 37.66 ? 55  HOH A O     1 
HETATM 423 O  O     . HOH D 3 .  ? 11.529  -6.211  -9.347  1.00 36.62 ? 56  HOH A O     1 
HETATM 424 O  O     . HOH D 3 .  ? 9.394   -3.747  -6.920  1.00 30.62 ? 57  HOH A O     1 
HETATM 425 O  O     . HOH D 3 .  ? 12.230  -0.423  -8.009  1.00 34.78 ? 58  HOH A O     1 
HETATM 426 O  O     . HOH D 3 .  ? 12.816  1.269   -2.988  1.00 33.50 ? 59  HOH A O     1 
HETATM 427 O  O     . HOH D 3 .  ? 9.933   -1.500  -4.927  1.00 41.37 ? 63  HOH A O     1 
HETATM 428 O  O     . HOH D 3 .  ? 5.255   -2.072  -1.377  1.00 35.30 ? 64  HOH A O     1 
HETATM 429 O  O     . HOH D 3 .  ? 2.179   -2.623  -0.882  1.00 20.42 ? 65  HOH A O     1 
HETATM 430 O  O     . HOH D 3 .  ? 4.512   -2.805  1.639   1.00 32.35 ? 66  HOH A O     1 
HETATM 431 O  O     . HOH D 3 .  ? 4.712   -5.715  0.444   1.00 41.06 ? 67  HOH A O     1 
HETATM 432 O  O     . HOH D 3 .  ? 3.032   -5.526  -0.298  1.00 44.75 ? 68  HOH A O     1 
HETATM 433 O  O     . HOH D 3 .  ? 4.283   -6.862  2.440   1.00 26.38 ? 69  HOH A O     1 
HETATM 434 O  O     . HOH D 3 .  ? 7.336   -11.073 0.654   1.00 41.85 ? 70  HOH A O     1 
HETATM 435 O  O     . HOH D 3 .  ? 3.712   -12.687 4.392   1.00 46.52 ? 71  HOH A O     1 
HETATM 436 O  O     . HOH D 3 .  ? 6.550   -5.978  10.650  1.00 40.03 ? 72  HOH A O     1 
HETATM 437 O  O     . HOH D 3 .  ? 3.773   -0.186  13.376  1.00 32.31 ? 73  HOH A O     1 
HETATM 438 O  O     . HOH D 3 .  ? 2.568   6.634   10.992  1.00 40.41 ? 74  HOH A O     1 
HETATM 439 O  O     . HOH D 3 .  ? -1.377  8.084   14.382  1.00 20.16 ? 75  HOH A O     1 
HETATM 440 O  O     . HOH D 3 .  ? -3.375  9.752   13.472  1.00 22.67 ? 76  HOH A O     1 
HETATM 441 O  O     . HOH D 3 .  ? -1.135  11.987  10.317  1.00 36.48 ? 77  HOH A O     1 
HETATM 442 O  O     . HOH D 3 .  ? 0.227   11.355  5.858   1.00 41.79 ? 78  HOH A O     1 
HETATM 443 O  O     . HOH D 3 .  ? 1.262   8.545   6.105   1.00 35.22 ? 79  HOH A O     1 
HETATM 444 O  O     . HOH D 3 .  ? -4.170  8.639   5.190   1.00 28.33 ? 80  HOH A O     1 
HETATM 445 O  O     . HOH D 3 .  ? -7.637  4.768   4.754   1.00 32.15 ? 81  HOH A O     1 
HETATM 446 O  O     . HOH D 3 .  ? 0.429   10.295  11.478  1.00 43.29 ? 92  HOH A O     1 
HETATM 447 O  O     . HOH D 3 .  ? 2.857   -1.241  4.842   1.00 42.05 ? 98  HOH A O     1 
HETATM 448 O  O     . HOH D 3 .  ? 2.975   -0.155  2.509   1.00 44.30 ? 99  HOH A O     1 
HETATM 449 O  O     . HOH E 3 .  ? -10.392 0.680   -13.283 1.00 33.85 ? 22  HOH B O     1 
HETATM 450 O  O     . HOH E 3 .  ? -10.107 2.955   -10.181 1.00 25.67 ? 23  HOH B O     1 
HETATM 451 O  O     . HOH E 3 .  ? -7.270  3.870   -8.388  1.00 28.93 ? 24  HOH B O     1 
HETATM 452 O  O     . HOH E 3 .  ? -5.298  1.789   -5.812  1.00 16.04 ? 25  HOH B O     1 
HETATM 453 O  O     . HOH E 3 .  ? -4.073  0.482   -2.364  1.00 25.76 ? 26  HOH B O     1 
HETATM 454 O  O     . HOH E 3 .  ? -6.964  -0.428  -1.578  1.00 30.61 ? 27  HOH B O     1 
HETATM 455 O  O     . HOH E 3 .  ? -9.768  -0.626  -1.193  1.00 41.94 ? 28  HOH B O     1 
HETATM 456 O  O     . HOH E 3 .  ? -8.202  0.053   1.810   1.00 38.97 ? 29  HOH B O     1 
HETATM 457 O  O     . HOH E 3 .  ? -7.472  1.080   4.144   1.00 34.31 ? 30  HOH B O     1 
HETATM 458 O  O     . HOH E 3 .  ? -4.518  0.809   1.082   1.00 34.06 ? 35  HOH B O     1 
HETATM 459 O  O     . HOH E 3 .  ? -0.939  0.329   -0.648  1.00 28.34 ? 36  HOH B O     1 
HETATM 460 O  O     . HOH E 3 .  ? 2.123   2.697   -0.121  1.00 29.72 ? 37  HOH B O     1 
HETATM 461 O  O     . HOH E 3 .  ? 1.020   5.527   -0.973  1.00 29.48 ? 38  HOH B O     1 
HETATM 462 O  O     . HOH E 3 .  ? -2.156  5.371   -2.802  1.00 30.19 ? 39  HOH B O     1 
HETATM 463 O  O     . HOH E 3 .  ? -1.038  11.606  -2.950  1.00 35.16 ? 40  HOH B O     1 
HETATM 464 O  O     . HOH E 3 .  ? -0.529  10.798  -6.883  1.00 38.47 ? 41  HOH B O     1 
HETATM 465 O  O     . HOH E 3 .  ? -1.988  9.310   -9.103  1.00 28.73 ? 42  HOH B O     1 
HETATM 466 O  O     . HOH E 3 .  ? 2.681   8.360   -9.049  1.00 35.80 ? 43  HOH B O     1 
HETATM 467 O  O     . HOH E 3 .  ? 7.691   9.363   -4.664  1.00 23.29 ? 45  HOH B O     1 
HETATM 468 O  O     . HOH E 3 .  ? 9.777   9.641   -7.295  1.00 40.25 ? 46  HOH B O     1 
HETATM 469 O  O     . HOH E 3 .  ? 11.985  9.518   -8.856  1.00 32.41 ? 47  HOH B O     1 
HETATM 470 O  O     . HOH E 3 .  ? 12.048  9.496   -11.844 1.00 38.17 ? 48  HOH B O     1 
HETATM 471 O  O     . HOH E 3 .  ? 3.945   4.737   -9.079  1.00 38.80 ? 49  HOH B O     1 
HETATM 472 O  O     . HOH E 3 .  ? 12.141  1.443   1.123   1.00 22.24 ? 60  HOH B O     1 
HETATM 473 O  O     . HOH E 3 .  ? 10.037  -0.122  0.728   1.00 27.14 ? 61  HOH B O     1 
HETATM 474 O  O     . HOH E 3 .  ? 7.600   0.047   0.669   1.00 31.05 ? 62  HOH B O     1 
HETATM 475 O  O     . HOH E 3 .  ? -12.250 4.683   5.635   1.00 39.86 ? 82  HOH B O     1 
HETATM 476 O  O     . HOH E 3 .  ? -12.902 -3.001  7.939   1.00 32.92 ? 83  HOH B O     1 
HETATM 477 O  O     . HOH E 3 .  ? -11.679 -4.349  4.639   1.00 28.10 ? 84  HOH B O     1 
HETATM 478 O  O     . HOH E 3 .  ? -12.411 -3.722  2.171   1.00 31.20 ? 85  HOH B O     1 
HETATM 479 O  O     . HOH E 3 .  ? -14.572 3.393   3.696   1.00 31.90 ? 86  HOH B O     1 
HETATM 480 O  O     . HOH E 3 .  ? -9.358  0.835   -5.728  1.00 32.21 ? 87  HOH B O     1 
HETATM 481 O  O     . HOH E 3 .  ? -11.315 -0.187  -7.945  1.00 48.99 ? 88  HOH B O     1 
HETATM 482 O  O     . HOH E 3 .  ? -9.858  -4.142  -9.246  1.00 24.96 ? 89  HOH B O     1 
HETATM 483 O  O     . HOH E 3 .  ? -12.170 -3.368  -11.352 1.00 31.16 ? 90  HOH B O     1 
HETATM 484 O  O     . HOH E 3 .  ? -14.261 -4.825  -10.614 1.00 34.74 ? 91  HOH B O     1 
HETATM 485 O  O     . HOH E 3 .  ? -7.483  -8.691  -5.773  1.00 38.80 ? 93  HOH B O     1 
HETATM 486 O  O     . HOH E 3 .  ? -11.619 -8.832  -3.987  1.00 35.89 ? 94  HOH B O     1 
HETATM 487 O  O     . HOH E 3 .  ? -9.591  -10.390 -1.327  1.00 27.44 ? 95  HOH B O     1 
HETATM 488 O  O     . HOH E 3 .  ? -4.476  8.343   -7.417  1.00 37.65 ? 96  HOH B O     1 
HETATM 489 O  O     . HOH E 3 .  ? -11.261 -8.090  17.030  1.00 36.65 ? 97  HOH B O     1 
HETATM 490 O  O     . HOH E 3 .  ? 5.261   3.819   -0.060  1.00 24.29 ? 100 HOH B O     1 
HETATM 491 O  O     . HOH E 3 .  ? 5.264   12.807  7.004   1.00 45.15 ? 101 HOH B O     1 
HETATM 492 O  O     . HOH E 3 .  ? 10.734  11.688  6.860   1.00 35.69 ? 102 HOH B O     1 
HETATM 493 O  O     . HOH E 3 .  ? -10.887 1.951   6.350   1.00 38.67 ? 103 HOH B O     1 
HETATM 494 O  O     . HOH E 3 .  ? -13.255 1.832   6.824   1.00 36.88 ? 104 HOH B O     1 
HETATM 495 O  O     . HOH E 3 .  ? -11.982 -0.608  7.911   1.00 21.75 ? 105 HOH B O     1 
HETATM 496 O  O     . HOH E 3 .  ? -13.689 -0.908  4.828   1.00 35.03 ? 106 HOH B O     1 
HETATM 497 O  O     . HOH E 3 .  ? -10.558 -0.711  4.537   1.00 27.62 ? 107 HOH B O     1 
HETATM 498 O  O     . HOH E 3 .  ? -12.416 2.094   4.244   1.00 33.70 ? 108 HOH B O     1 
# 
